data_6JFU
#
_entry.id   6JFU
#
_cell.length_a   153.477
_cell.length_b   166.933
_cell.length_c   179.790
_cell.angle_alpha   90.00
_cell.angle_beta   90.00
_cell.angle_gamma   90.00
#
_symmetry.space_group_name_H-M   'C 2 2 21'
#
loop_
_entity.id
_entity.type
_entity.pdbx_description
1 polymer 'CRISPR-associated endonuclease Cas9'
2 polymer sgRNA
3 polymer 'target-strand DNA'
4 polymer 'non-target strand'
5 non-polymer 1,2-ETHANEDIOL
#
loop_
_entity_poly.entity_id
_entity_poly.type
_entity_poly.pdbx_seq_one_letter_code
_entity_poly.pdbx_strand_id
1 'polypeptide(L)'
;SMAAFKPNPINYILGLAIGIASVGWAMVEIDEEENPIRLIDLGVRVFERAEVPKTGDSLAMARRLARSVRRLTRRRAHRL
LRARRLLKREGVLQAADFDENGLIKSLPNTPWQLRAAALDRKLTPLEWSAVLLHLIKHRGYLSQRKNEGETADKELGALL
KGVANNAHALQTGDFRTPAELALNKFEKESGHIRNQRGDYSHTFSRKDLQAELILLFEKQKEFGNPHVSGGLKEGIETLL
MTQRPALSGDAVQKMLGHCTFEPAEPKAAKNTYTAERFIWLTKLNNLRILEQGSERPLTDTERATLMDEPYRKSKLTYAQ
ARKLLGLEDTAFFKGLRYGKDNAEASTLMEMKAYHAISRALEKEGLKDKKSPLNLSSELQDEIGTAFSLFKTDEDITGRL
KDRVQPEILEALLKHISFDKFVQISLKALRRIVPLMEQGKRYDEACAEIYGDHYGKKNTEEKIYLPPIPADEIRNPVVLR
ALSQARKVINGVVRRYGSPARIHIETAREVGKSFKDRKEIEKRQEENRKDREKAAAKFREYFPNFVGEPKSKDILKLRLY
EQQHGKCLYSGKEINLVRLNEKGYVEIDAALPFSRTWDDSFNNKVLVLGSENQNKGNQTPYEYFNGKDNSREWQEFKARV
ETSRFPRSKKQRILLQKFDEDGFKECNLNDTRYVNRFLCQFVADHILLTGKGKRRVFASNGQITNLLRGFWGLRKVRAEN
DRHHALDAVVVACSTVAMQQKITRFVRYKEMNAFDGKTIDKETGKVLHQKTHFPQPWEFFAQEVMIRVFGKPDGKPEFEE
ADTPEKLRTLLAEKLSSRPEAVHEYVTPLFVSRAPNRKMSGAHKDTLRSAKRFVKHNEKISVKRVWLTEIKLADLENMVN
YKNGREIELYEALKARLEAYGGNAKQAFDPKDNPFYKKGGQLVKAVRVEKTQESGVLLNKKNAYTIADNGDMVRVDVFCK
VDKKGKNQYFIVPIYAWQVAENILPDIDCKGYRIDDSYTFCFSLHKYDLIAFQKDEKSKVEFAYYINCDSSNGRFYLAWH
DKGSKEQQFRISTQNLVLIQKYQVNELGKEIRPCRLKKRPPVR
;
A
2 'polyribonucleotide'
;GGUCACUCUGCUAUUUAACUUUACGUUGUAGCUCCCUUUCUCGAAAGAGAACCGUUGCUACAAUAAGGCCGUCUGAAAAG
AUGUGCCGCAACGCUCUGCCCCUUAAAGCUCCUGCUUUAAGGGGCAUCGUUUAUC
;
B
3 'polydeoxyribonucleotide'
;(DT)(DA)(DA)(DC)(DT)(DG)(DG)(DG)(DC)(DC)(DT)(DG)(DT)(DA)(DA)(DA)(DG)(DT)(DT)(DA)
(DA)(DA)(DT)(DA)(DG)(DC)(DA)(DG)(DA)(DG)(DT)(DG)(DA)(DC)(DC)
;
C
4 'polydeoxyribonucleotide' (DA)(DG)(DG)(DC)(DC)(DC)(DA)(DG)(DT)(DT)(DA) D
#
# COMPACT_ATOMS: atom_id res chain seq x y z
N ASN A 8 -26.43 -40.37 -3.34
CA ASN A 8 -26.05 -39.26 -2.48
C ASN A 8 -27.01 -38.08 -2.64
N PRO A 9 -28.14 -38.13 -1.94
CA PRO A 9 -29.10 -37.02 -2.02
C PRO A 9 -28.50 -35.76 -1.43
N ILE A 10 -28.71 -34.64 -2.13
CA ILE A 10 -28.13 -33.36 -1.75
C ILE A 10 -29.11 -32.23 -2.03
N ASN A 11 -29.02 -31.18 -1.22
CA ASN A 11 -29.81 -29.97 -1.39
C ASN A 11 -29.19 -28.86 -0.55
N TYR A 12 -28.97 -27.69 -1.15
CA TYR A 12 -28.25 -26.61 -0.47
C TYR A 12 -28.81 -25.26 -0.87
N ILE A 13 -29.20 -24.47 0.13
CA ILE A 13 -29.48 -23.05 -0.02
C ILE A 13 -28.71 -22.34 1.08
N LEU A 14 -27.55 -22.92 1.45
CA LEU A 14 -26.89 -22.73 2.73
C LEU A 14 -26.82 -21.29 3.24
N GLY A 15 -26.10 -20.42 2.53
CA GLY A 15 -25.96 -19.06 3.01
C GLY A 15 -24.61 -18.77 3.63
N LEU A 16 -23.94 -17.73 3.14
CA LEU A 16 -22.63 -17.32 3.64
C LEU A 16 -22.64 -15.85 3.99
N ALA A 17 -21.99 -15.51 5.08
CA ALA A 17 -21.87 -14.12 5.50
C ALA A 17 -20.39 -13.81 5.62
N ILE A 18 -19.97 -12.70 5.01
CA ILE A 18 -18.57 -12.30 4.96
C ILE A 18 -18.37 -11.00 5.72
N GLY A 19 -17.15 -10.82 6.23
CA GLY A 19 -16.76 -9.58 6.88
C GLY A 19 -15.32 -9.25 6.56
N ILE A 20 -14.83 -8.18 7.19
CA ILE A 20 -13.45 -7.76 6.95
C ILE A 20 -12.47 -8.74 7.58
N ALA A 21 -12.82 -9.32 8.73
CA ALA A 21 -11.92 -10.20 9.46
C ALA A 21 -12.45 -11.62 9.59
N SER A 22 -13.57 -11.95 8.94
CA SER A 22 -14.15 -13.27 9.07
C SER A 22 -15.19 -13.50 7.98
N VAL A 23 -15.33 -14.76 7.59
CA VAL A 23 -16.43 -15.22 6.75
C VAL A 23 -16.98 -16.49 7.40
N GLY A 24 -18.18 -16.87 6.99
CA GLY A 24 -18.79 -18.05 7.57
C GLY A 24 -19.95 -18.52 6.73
N TRP A 25 -20.38 -19.75 7.01
CA TRP A 25 -21.51 -20.33 6.28
C TRP A 25 -22.24 -21.29 7.20
N ALA A 26 -23.53 -21.47 6.93
CA ALA A 26 -24.35 -22.44 7.64
C ALA A 26 -25.27 -23.10 6.63
N MET A 27 -25.33 -24.43 6.65
CA MET A 27 -26.15 -25.15 5.68
C MET A 27 -27.58 -25.29 6.20
N VAL A 28 -28.49 -25.51 5.25
CA VAL A 28 -29.91 -25.68 5.55
C VAL A 28 -30.51 -26.58 4.48
N GLU A 29 -31.50 -27.37 4.89
CA GLU A 29 -32.23 -28.24 3.98
C GLU A 29 -33.50 -27.53 3.53
N ILE A 30 -33.73 -27.50 2.22
CA ILE A 30 -34.87 -26.81 1.64
C ILE A 30 -35.90 -27.84 1.19
N ASP A 31 -37.08 -27.33 0.78
CA ASP A 31 -38.17 -28.18 0.30
C ASP A 31 -38.60 -27.71 -1.08
N GLU A 32 -39.77 -28.18 -1.54
CA GLU A 32 -40.27 -27.90 -2.88
C GLU A 32 -40.00 -26.46 -3.34
N GLU A 33 -40.42 -25.47 -2.55
CA GLU A 33 -40.34 -24.08 -3.01
C GLU A 33 -40.08 -23.14 -1.84
N GLU A 34 -38.89 -22.54 -1.81
CA GLU A 34 -38.57 -21.38 -0.97
C GLU A 34 -39.00 -21.59 0.48
N ASN A 35 -38.74 -22.77 1.01
CA ASN A 35 -39.03 -23.02 2.42
C ASN A 35 -37.99 -23.97 2.99
N PRO A 36 -37.22 -23.56 4.00
CA PRO A 36 -36.16 -24.42 4.52
C PRO A 36 -36.61 -25.28 5.70
N ILE A 37 -36.15 -26.52 5.69
CA ILE A 37 -36.31 -27.45 6.80
C ILE A 37 -35.17 -27.24 7.79
N ARG A 38 -34.95 -28.18 8.71
CA ARG A 38 -33.90 -28.03 9.71
C ARG A 38 -32.53 -27.83 9.06
N LEU A 39 -31.63 -27.19 9.80
CA LEU A 39 -30.29 -26.90 9.30
C LEU A 39 -29.46 -28.18 9.22
N ILE A 40 -28.29 -28.09 8.59
CA ILE A 40 -27.46 -29.27 8.40
C ILE A 40 -26.09 -29.09 9.04
N ASP A 41 -25.30 -28.12 8.54
CA ASP A 41 -23.91 -28.01 8.94
C ASP A 41 -23.47 -26.56 8.81
N LEU A 42 -22.49 -26.16 9.62
CA LEU A 42 -21.97 -24.80 9.60
C LEU A 42 -20.46 -24.83 9.78
N GLY A 43 -19.83 -23.71 9.41
CA GLY A 43 -18.40 -23.56 9.53
C GLY A 43 -17.95 -22.15 9.21
N VAL A 44 -17.00 -21.62 9.98
CA VAL A 44 -16.57 -20.24 9.85
C VAL A 44 -15.06 -20.19 9.66
N ARG A 45 -14.62 -19.35 8.74
CA ARG A 45 -13.22 -19.07 8.48
C ARG A 45 -12.89 -17.66 8.95
N VAL A 46 -11.67 -17.46 9.43
CA VAL A 46 -11.27 -16.14 9.90
C VAL A 46 -10.23 -15.57 8.95
N PHE A 47 -9.83 -14.33 9.17
CA PHE A 47 -9.01 -13.60 8.22
C PHE A 47 -7.72 -13.11 8.87
N GLU A 48 -6.73 -12.89 8.01
CA GLU A 48 -5.58 -12.05 8.33
C GLU A 48 -5.80 -10.74 7.56
N ARG A 49 -6.30 -9.73 8.26
CA ARG A 49 -6.62 -8.44 7.66
C ARG A 49 -5.48 -7.92 6.81
N ALA A 50 -5.76 -7.72 5.53
CA ALA A 50 -4.71 -7.38 4.56
C ALA A 50 -4.41 -5.88 4.64
N GLU A 51 -3.73 -5.52 5.71
CA GLU A 51 -3.28 -4.16 5.98
C GLU A 51 -2.41 -4.19 7.22
N VAL A 52 -1.53 -3.19 7.35
CA VAL A 52 -0.72 -3.04 8.56
C VAL A 52 -1.67 -2.63 9.67
N PRO A 53 -1.72 -3.38 10.79
CA PRO A 53 -2.81 -3.21 11.76
C PRO A 53 -3.02 -1.80 12.27
N LYS A 54 -1.97 -1.19 12.85
CA LYS A 54 -2.15 0.11 13.49
C LYS A 54 -2.25 1.22 12.46
N THR A 55 -1.30 1.29 11.53
CA THR A 55 -1.29 2.38 10.57
C THR A 55 -2.40 2.26 9.53
N GLY A 56 -2.77 1.03 9.18
CA GLY A 56 -3.72 0.83 8.10
C GLY A 56 -3.12 0.86 6.72
N ASP A 57 -1.80 0.94 6.62
CA ASP A 57 -1.14 0.96 5.33
C ASP A 57 -1.23 -0.41 4.65
N SER A 58 -1.04 -0.41 3.33
CA SER A 58 -1.03 -1.67 2.60
C SER A 58 0.28 -2.41 2.84
N LEU A 59 0.18 -3.74 2.84
CA LEU A 59 1.37 -4.55 3.07
C LEU A 59 2.37 -4.41 1.92
N ALA A 60 1.87 -4.28 0.69
CA ALA A 60 2.74 -4.09 -0.45
C ALA A 60 3.31 -2.67 -0.52
N MET A 61 2.75 -1.73 0.23
CA MET A 61 3.27 -0.38 0.22
C MET A 61 4.66 -0.31 0.84
N ALA A 62 4.85 -0.97 1.99
CA ALA A 62 6.17 -1.02 2.59
C ALA A 62 7.16 -1.73 1.67
N ARG A 63 6.72 -2.76 0.96
CA ARG A 63 7.58 -3.44 -0.01
C ARG A 63 7.98 -2.50 -1.14
N ARG A 64 7.04 -1.71 -1.65
CA ARG A 64 7.37 -0.75 -2.71
C ARG A 64 8.36 0.29 -2.20
N LEU A 65 8.16 0.79 -0.98
CA LEU A 65 9.10 1.77 -0.43
C LEU A 65 10.48 1.17 -0.24
N ALA A 66 10.55 -0.10 0.20
CA ALA A 66 11.84 -0.77 0.33
C ALA A 66 12.52 -0.91 -1.02
N ARG A 67 11.78 -1.31 -2.04
CA ARG A 67 12.34 -1.40 -3.39
C ARG A 67 12.86 -0.05 -3.85
N SER A 68 12.11 1.02 -3.60
CA SER A 68 12.50 2.35 -4.03
C SER A 68 13.79 2.80 -3.34
N VAL A 69 13.89 2.58 -2.02
CA VAL A 69 15.08 3.01 -1.32
C VAL A 69 16.28 2.15 -1.70
N ARG A 70 16.06 0.86 -1.98
CA ARG A 70 17.13 0.02 -2.51
C ARG A 70 17.69 0.61 -3.79
N ARG A 71 16.79 0.92 -4.74
CA ARG A 71 17.23 1.49 -6.01
C ARG A 71 17.96 2.82 -5.80
N LEU A 72 17.42 3.67 -4.93
CA LEU A 72 18.04 4.98 -4.68
C LEU A 72 19.46 4.81 -4.14
N THR A 73 19.62 4.00 -3.10
CA THR A 73 20.94 3.79 -2.49
C THR A 73 21.92 3.22 -3.51
N ARG A 74 21.48 2.22 -4.28
CA ARG A 74 22.37 1.57 -5.23
C ARG A 74 22.80 2.53 -6.33
N ARG A 75 21.85 3.30 -6.88
CA ARG A 75 22.19 4.24 -7.95
C ARG A 75 23.08 5.37 -7.44
N ARG A 76 22.88 5.81 -6.19
CA ARG A 76 23.77 6.83 -5.63
C ARG A 76 25.18 6.29 -5.46
N ALA A 77 25.30 5.06 -4.94
CA ALA A 77 26.62 4.44 -4.81
C ALA A 77 27.30 4.32 -6.16
N HIS A 78 26.56 3.87 -7.18
CA HIS A 78 27.18 3.70 -8.49
C HIS A 78 27.51 5.04 -9.15
N ARG A 79 26.71 6.08 -8.88
CA ARG A 79 27.02 7.40 -9.39
C ARG A 79 28.33 7.92 -8.79
N LEU A 80 28.53 7.71 -7.49
CA LEU A 80 29.79 8.11 -6.88
C LEU A 80 30.95 7.27 -7.41
N LEU A 81 30.70 5.99 -7.68
CA LEU A 81 31.74 5.15 -8.28
C LEU A 81 32.15 5.66 -9.66
N ARG A 82 31.17 6.03 -10.48
CA ARG A 82 31.46 6.61 -11.79
C ARG A 82 32.21 7.93 -11.64
N ALA A 83 31.86 8.73 -10.63
CA ALA A 83 32.58 9.97 -10.38
C ALA A 83 34.05 9.72 -10.07
N ARG A 84 34.33 8.72 -9.23
CA ARG A 84 35.72 8.41 -8.90
C ARG A 84 36.47 7.85 -10.11
N ARG A 85 35.81 7.02 -10.92
CA ARG A 85 36.46 6.54 -12.13
C ARG A 85 36.78 7.68 -13.09
N LEU A 86 35.87 8.65 -13.21
CA LEU A 86 36.14 9.82 -14.04
C LEU A 86 37.29 10.64 -13.48
N LEU A 87 37.35 10.77 -12.14
CA LEU A 87 38.46 11.47 -11.51
C LEU A 87 39.78 10.82 -11.86
N LYS A 88 39.81 9.47 -11.90
CA LYS A 88 41.04 8.79 -12.30
C LYS A 88 41.35 9.01 -13.78
N ARG A 89 40.34 8.91 -14.64
CA ARG A 89 40.58 8.97 -16.08
C ARG A 89 41.09 10.35 -16.50
N GLU A 90 40.46 11.41 -16.02
CA GLU A 90 40.85 12.76 -16.46
C GLU A 90 42.15 13.24 -15.85
N GLY A 91 42.90 12.38 -15.17
CA GLY A 91 44.19 12.73 -14.64
C GLY A 91 44.16 13.58 -13.39
N VAL A 92 43.00 13.78 -12.78
CA VAL A 92 42.93 14.55 -11.54
C VAL A 92 43.67 13.81 -10.43
N LEU A 93 43.41 12.52 -10.29
CA LEU A 93 44.12 11.67 -9.33
C LEU A 93 44.69 10.46 -10.06
N GLN A 94 45.74 9.90 -9.49
CA GLN A 94 46.43 8.74 -10.04
C GLN A 94 46.16 7.51 -9.17
N ALA A 95 46.53 6.35 -9.71
CA ALA A 95 46.20 5.08 -9.06
C ALA A 95 46.76 4.98 -7.65
N ALA A 96 47.88 5.66 -7.39
CA ALA A 96 48.45 5.65 -6.05
C ALA A 96 47.59 6.37 -5.02
N ASP A 97 46.59 7.13 -5.46
CA ASP A 97 45.71 7.86 -4.56
C ASP A 97 44.45 7.08 -4.19
N PHE A 98 44.25 5.90 -4.77
CA PHE A 98 43.10 5.06 -4.49
C PHE A 98 43.54 3.84 -3.68
N ASP A 99 42.73 3.48 -2.69
CA ASP A 99 43.04 2.34 -1.84
C ASP A 99 42.50 1.05 -2.47
N GLU A 100 42.53 -0.04 -1.71
CA GLU A 100 42.10 -1.34 -2.23
C GLU A 100 40.60 -1.38 -2.50
N ASN A 101 39.81 -0.55 -1.82
CA ASN A 101 38.36 -0.52 -2.01
C ASN A 101 37.93 0.52 -3.03
N GLY A 102 38.87 1.13 -3.75
CA GLY A 102 38.54 2.14 -4.74
C GLY A 102 38.25 3.52 -4.18
N LEU A 103 38.40 3.72 -2.88
CA LEU A 103 38.17 5.03 -2.28
C LEU A 103 39.45 5.85 -2.31
N ILE A 104 39.29 7.15 -2.11
CA ILE A 104 40.41 8.09 -2.20
C ILE A 104 41.10 8.19 -0.84
N LYS A 105 42.41 7.99 -0.83
CA LYS A 105 43.18 8.12 0.40
C LYS A 105 43.37 9.58 0.75
N SER A 106 43.27 9.89 2.04
CA SER A 106 43.48 11.24 2.56
C SER A 106 42.54 12.26 1.90
N LEU A 107 41.32 11.82 1.64
CA LEU A 107 40.32 12.72 1.07
C LEU A 107 39.92 13.75 2.11
N PRO A 108 39.98 15.05 1.81
CA PRO A 108 39.68 16.07 2.82
C PRO A 108 38.25 15.98 3.31
N ASN A 109 38.05 16.41 4.55
CA ASN A 109 36.73 16.43 5.19
C ASN A 109 36.22 17.85 5.40
N THR A 110 36.67 18.79 4.57
CA THR A 110 36.21 20.18 4.62
C THR A 110 35.78 20.65 3.23
N PRO A 111 34.80 19.99 2.62
CA PRO A 111 34.43 20.37 1.25
C PRO A 111 33.69 21.70 1.16
N TRP A 112 33.00 22.11 2.21
CA TRP A 112 32.32 23.41 2.17
C TRP A 112 33.33 24.55 2.18
N GLN A 113 34.32 24.47 3.09
CA GLN A 113 35.36 25.49 3.13
C GLN A 113 36.15 25.51 1.83
N LEU A 114 36.37 24.34 1.23
CA LEU A 114 37.10 24.28 -0.04
C LEU A 114 36.26 24.85 -1.18
N ARG A 115 34.96 24.57 -1.19
CA ARG A 115 34.08 25.17 -2.20
C ARG A 115 34.01 26.68 -2.06
N ALA A 116 34.16 27.19 -0.84
CA ALA A 116 34.19 28.64 -0.65
C ALA A 116 35.53 29.23 -1.06
N ALA A 117 36.64 28.55 -0.75
CA ALA A 117 37.97 29.05 -1.06
C ALA A 117 38.34 28.90 -2.52
N ALA A 118 37.69 27.99 -3.25
CA ALA A 118 37.99 27.84 -4.67
C ALA A 118 37.64 29.09 -5.46
N LEU A 119 36.78 29.94 -4.93
CA LEU A 119 36.45 31.22 -5.54
C LEU A 119 37.60 32.21 -5.46
N ASP A 120 38.61 31.94 -4.64
CA ASP A 120 39.70 32.87 -4.40
C ASP A 120 41.09 32.32 -4.65
N ARG A 121 41.29 31.00 -4.57
CA ARG A 121 42.64 30.43 -4.66
C ARG A 121 42.60 29.14 -5.47
N LYS A 122 43.78 28.55 -5.61
CA LYS A 122 43.94 27.28 -6.32
C LYS A 122 43.66 26.11 -5.38
N LEU A 123 43.20 25.01 -5.96
CA LEU A 123 42.82 23.83 -5.19
C LEU A 123 43.74 22.66 -5.50
N THR A 124 44.11 21.93 -4.45
CA THR A 124 44.84 20.68 -4.61
C THR A 124 43.98 19.67 -5.38
N PRO A 125 44.58 18.83 -6.21
CA PRO A 125 43.82 17.73 -6.82
C PRO A 125 43.00 16.94 -5.82
N LEU A 126 43.50 16.76 -4.59
CA LEU A 126 42.69 16.12 -3.55
C LEU A 126 41.54 17.03 -3.14
N GLU A 127 41.82 18.31 -2.89
CA GLU A 127 40.76 19.26 -2.57
C GLU A 127 39.75 19.36 -3.71
N TRP A 128 40.24 19.38 -4.95
CA TRP A 128 39.37 19.51 -6.10
C TRP A 128 38.49 18.29 -6.26
N SER A 129 39.07 17.09 -6.12
CA SER A 129 38.29 15.86 -6.18
C SER A 129 37.25 15.81 -5.06
N ALA A 130 37.63 16.26 -3.86
CA ALA A 130 36.69 16.28 -2.75
C ALA A 130 35.52 17.22 -3.04
N VAL A 131 35.81 18.40 -3.59
CA VAL A 131 34.75 19.35 -3.93
C VAL A 131 33.81 18.75 -4.96
N LEU A 132 34.36 18.12 -5.99
CA LEU A 132 33.52 17.54 -7.04
C LEU A 132 32.66 16.41 -6.49
N LEU A 133 33.25 15.52 -5.68
CA LEU A 133 32.49 14.41 -5.12
C LEU A 133 31.41 14.92 -4.16
N HIS A 134 31.70 15.97 -3.40
CA HIS A 134 30.72 16.53 -2.49
C HIS A 134 29.56 17.17 -3.25
N LEU A 135 29.86 17.83 -4.37
CA LEU A 135 28.79 18.40 -5.18
C LEU A 135 27.94 17.32 -5.83
N ILE A 136 28.56 16.21 -6.22
CA ILE A 136 27.79 15.13 -6.86
C ILE A 136 26.93 14.41 -5.83
N LYS A 137 27.48 14.12 -4.65
CA LYS A 137 26.73 13.35 -3.65
C LYS A 137 25.55 14.15 -3.12
N HIS A 138 25.75 15.41 -2.80
CA HIS A 138 24.72 16.30 -2.29
C HIS A 138 24.39 17.30 -3.38
N ARG A 139 23.31 17.03 -4.14
CA ARG A 139 23.04 17.74 -5.38
C ARG A 139 21.71 18.47 -5.38
N GLY A 140 21.04 18.60 -4.24
CA GLY A 140 19.82 19.38 -4.18
C GLY A 140 18.66 18.73 -4.93
N TYR A 141 17.55 19.46 -4.97
CA TYR A 141 16.30 18.98 -5.54
C TYR A 141 16.07 19.58 -6.92
N LEU A 142 15.51 18.77 -7.82
CA LEU A 142 15.18 19.18 -9.17
C LEU A 142 13.68 19.33 -9.30
N SER A 143 13.24 20.42 -9.92
CA SER A 143 11.81 20.72 -10.00
C SER A 143 11.04 19.63 -10.73
N GLN A 144 11.50 19.28 -11.93
CA GLN A 144 11.00 18.14 -12.73
C GLN A 144 9.47 18.08 -12.79
N ARG A 145 8.81 19.23 -12.79
CA ARG A 145 7.36 19.29 -12.94
C ARG A 145 6.99 20.12 -14.16
N LYS A 146 5.71 20.09 -14.50
CA LYS A 146 5.22 20.80 -15.68
C LYS A 146 5.51 22.29 -15.57
N ASN A 147 6.14 22.84 -16.62
CA ASN A 147 6.65 24.21 -16.56
C ASN A 147 5.54 25.25 -16.54
N GLU A 148 4.31 24.89 -16.89
CA GLU A 148 3.22 25.86 -16.86
C GLU A 148 2.76 26.10 -15.43
N GLY A 149 2.27 27.30 -15.18
CA GLY A 149 1.85 27.66 -13.85
C GLY A 149 0.90 28.85 -13.87
N GLU A 150 0.62 29.37 -12.68
CA GLU A 150 -0.29 30.49 -12.51
C GLU A 150 0.29 31.41 -11.44
N THR A 151 -0.53 32.34 -10.96
CA THR A 151 -0.13 33.31 -9.94
C THR A 151 -0.60 32.90 -8.56
N ALA A 152 -0.61 31.59 -8.27
CA ALA A 152 -1.05 31.11 -6.96
C ALA A 152 -0.29 29.82 -6.65
N ASP A 153 0.60 29.88 -5.66
CA ASP A 153 1.32 28.72 -5.15
C ASP A 153 1.08 28.68 -3.64
N LYS A 154 -0.01 28.04 -3.24
CA LYS A 154 -0.42 28.04 -1.83
C LYS A 154 0.07 26.81 -1.07
N GLU A 155 0.18 25.66 -1.74
CA GLU A 155 0.52 24.40 -1.08
C GLU A 155 2.01 24.14 -1.03
N LEU A 156 2.84 25.17 -1.06
CA LEU A 156 4.29 24.99 -0.94
C LEU A 156 4.61 24.54 0.48
N GLY A 157 5.05 23.30 0.61
CA GLY A 157 5.33 22.71 1.91
C GLY A 157 6.68 23.15 2.46
N ALA A 158 7.22 22.32 3.34
CA ALA A 158 8.47 22.66 4.01
C ALA A 158 9.65 22.60 3.04
N LEU A 159 9.72 21.54 2.24
CA LEU A 159 10.83 21.38 1.31
C LEU A 159 10.85 22.51 0.29
N LEU A 160 9.71 22.79 -0.33
CA LEU A 160 9.65 23.86 -1.32
C LEU A 160 9.93 25.22 -0.68
N LYS A 161 9.39 25.46 0.51
CA LYS A 161 9.65 26.73 1.19
C LYS A 161 11.14 26.93 1.43
N GLY A 162 11.80 25.91 1.97
CA GLY A 162 13.24 26.01 2.20
C GLY A 162 14.03 26.21 0.94
N VAL A 163 13.71 25.42 -0.10
CA VAL A 163 14.45 25.51 -1.36
C VAL A 163 14.30 26.90 -1.98
N ALA A 164 13.05 27.40 -2.02
CA ALA A 164 12.81 28.71 -2.63
C ALA A 164 13.43 29.83 -1.81
N ASN A 165 13.39 29.71 -0.48
CA ASN A 165 14.00 30.74 0.36
C ASN A 165 15.52 30.76 0.17
N ASN A 166 16.16 29.59 0.09
CA ASN A 166 17.59 29.55 -0.15
C ASN A 166 17.93 30.08 -1.53
N ALA A 167 17.11 29.75 -2.53
CA ALA A 167 17.36 30.26 -3.88
C ALA A 167 17.24 31.79 -3.93
N HIS A 168 16.23 32.34 -3.26
CA HIS A 168 16.08 33.79 -3.22
C HIS A 168 17.24 34.44 -2.48
N ALA A 169 17.68 33.82 -1.38
CA ALA A 169 18.83 34.35 -0.65
C ALA A 169 20.13 34.21 -1.43
N LEU A 170 20.19 33.30 -2.39
CA LEU A 170 21.35 33.21 -3.26
C LEU A 170 21.28 34.21 -4.41
N GLN A 171 20.07 34.53 -4.87
CA GLN A 171 19.91 35.51 -5.94
C GLN A 171 20.16 36.93 -5.48
N THR A 172 20.16 37.19 -4.17
CA THR A 172 20.52 38.51 -3.69
C THR A 172 22.03 38.70 -3.76
N GLY A 173 22.44 39.96 -3.84
CA GLY A 173 23.84 40.29 -4.08
C GLY A 173 24.73 40.28 -2.85
N ASP A 174 24.71 39.19 -2.10
CA ASP A 174 25.62 39.05 -0.96
C ASP A 174 26.41 37.76 -1.00
N PHE A 175 25.79 36.65 -1.38
CA PHE A 175 26.45 35.35 -1.40
C PHE A 175 26.52 34.85 -2.84
N ARG A 176 27.72 34.52 -3.30
CA ARG A 176 27.89 34.14 -4.71
C ARG A 176 27.42 32.71 -4.95
N THR A 177 27.65 31.81 -4.00
CA THR A 177 27.43 30.39 -4.22
C THR A 177 26.76 29.76 -2.99
N PRO A 178 26.15 28.58 -3.17
CA PRO A 178 25.51 27.92 -2.02
C PRO A 178 26.46 27.59 -0.88
N ALA A 179 27.73 27.28 -1.16
CA ALA A 179 28.64 26.96 -0.08
C ALA A 179 28.97 28.20 0.75
N GLU A 180 29.10 29.35 0.09
CA GLU A 180 29.35 30.59 0.82
C GLU A 180 28.17 30.94 1.72
N LEU A 181 26.95 30.74 1.23
CA LEU A 181 25.77 30.96 2.07
C LEU A 181 25.71 29.94 3.19
N ALA A 182 26.13 28.69 2.92
CA ALA A 182 26.11 27.65 3.93
C ALA A 182 27.09 27.96 5.05
N LEU A 183 28.21 28.59 4.74
CA LEU A 183 29.18 28.92 5.78
C LEU A 183 28.69 30.08 6.66
N ASN A 184 27.94 31.02 6.09
CA ASN A 184 27.41 32.14 6.88
C ASN A 184 26.04 31.86 7.46
N LYS A 185 25.44 30.71 7.18
CA LYS A 185 24.33 30.20 7.99
C LYS A 185 24.79 29.21 9.03
N PHE A 186 25.90 28.51 8.76
CA PHE A 186 26.54 27.66 9.76
C PHE A 186 26.97 28.47 10.98
N GLU A 187 27.51 29.66 10.75
CA GLU A 187 27.96 30.52 11.84
C GLU A 187 26.81 31.34 12.43
N LYS A 188 25.82 31.72 11.63
CA LYS A 188 24.82 32.68 12.05
C LYS A 188 23.96 32.14 13.19
N GLU A 189 23.05 31.22 12.89
CA GLU A 189 22.13 30.72 13.92
C GLU A 189 22.07 29.20 14.05
N SER A 190 22.41 28.42 13.01
CA SER A 190 22.19 26.98 13.12
C SER A 190 23.28 26.32 13.97
N GLY A 191 24.53 26.71 13.80
CA GLY A 191 25.64 25.96 14.35
C GLY A 191 26.08 24.77 13.51
N HIS A 192 25.27 24.39 12.52
CA HIS A 192 25.58 23.27 11.63
C HIS A 192 25.22 23.68 10.21
N ILE A 193 25.62 22.84 9.26
CA ILE A 193 25.47 23.15 7.83
C ILE A 193 24.26 22.46 7.23
N ARG A 194 24.11 21.17 7.47
CA ARG A 194 23.12 20.35 6.79
C ARG A 194 21.78 20.39 7.52
N ASN A 195 20.84 19.58 7.06
CA ASN A 195 19.56 19.41 7.72
C ASN A 195 19.68 18.41 8.86
N GLN A 196 18.89 18.64 9.91
CA GLN A 196 18.88 17.76 11.08
C GLN A 196 17.45 17.61 11.58
N ARG A 197 17.16 16.42 12.12
CA ARG A 197 15.86 16.11 12.74
C ARG A 197 14.71 16.34 11.77
N GLY A 198 14.89 15.89 10.52
CA GLY A 198 13.83 15.98 9.53
C GLY A 198 13.46 17.40 9.13
N ASP A 199 14.44 18.28 9.02
CA ASP A 199 14.20 19.66 8.61
C ASP A 199 14.61 19.85 7.16
N TYR A 200 14.16 20.97 6.58
CA TYR A 200 14.43 21.28 5.17
C TYR A 200 14.91 22.71 4.99
N SER A 201 15.45 23.34 6.04
CA SER A 201 15.80 24.75 5.96
C SER A 201 17.08 25.00 5.16
N HIS A 202 17.92 23.99 4.98
CA HIS A 202 19.26 24.18 4.44
C HIS A 202 19.44 23.59 3.04
N THR A 203 18.41 22.96 2.47
CA THR A 203 18.55 22.34 1.16
C THR A 203 18.58 23.40 0.06
N PHE A 204 19.30 23.09 -1.01
CA PHE A 204 19.48 24.00 -2.14
C PHE A 204 18.83 23.41 -3.40
N SER A 205 18.63 24.29 -4.38
CA SER A 205 18.13 23.87 -5.68
C SER A 205 19.28 23.34 -6.53
N ARG A 206 19.01 22.28 -7.30
CA ARG A 206 20.03 21.73 -8.17
C ARG A 206 20.47 22.71 -9.24
N LYS A 207 19.61 23.69 -9.59
CA LYS A 207 20.03 24.74 -10.52
C LYS A 207 21.11 25.60 -9.90
N ASP A 208 20.97 25.96 -8.63
CA ASP A 208 21.99 26.77 -7.96
C ASP A 208 23.28 25.99 -7.78
N LEU A 209 23.18 24.68 -7.52
CA LEU A 209 24.39 23.88 -7.40
C LEU A 209 25.08 23.69 -8.75
N GLN A 210 24.30 23.56 -9.82
CA GLN A 210 24.88 23.54 -11.16
C GLN A 210 25.58 24.85 -11.47
N ALA A 211 24.96 25.96 -11.06
CA ALA A 211 25.59 27.27 -11.25
C ALA A 211 26.91 27.35 -10.47
N GLU A 212 26.92 26.86 -9.24
CA GLU A 212 28.15 26.85 -8.46
C GLU A 212 29.21 25.98 -9.12
N LEU A 213 28.82 24.83 -9.65
CA LEU A 213 29.77 23.96 -10.32
C LEU A 213 30.40 24.65 -11.53
N ILE A 214 29.55 25.28 -12.36
CA ILE A 214 30.06 25.97 -13.54
C ILE A 214 30.98 27.13 -13.14
N LEU A 215 30.57 27.91 -12.14
CA LEU A 215 31.37 29.05 -11.72
C LEU A 215 32.69 28.61 -11.11
N LEU A 216 32.69 27.53 -10.33
CA LEU A 216 33.93 26.97 -9.83
C LEU A 216 34.85 26.58 -10.98
N PHE A 217 34.36 25.72 -11.89
CA PHE A 217 35.17 25.34 -13.04
C PHE A 217 35.78 26.55 -13.73
N GLU A 218 35.02 27.63 -13.88
CA GLU A 218 35.58 28.85 -14.47
C GLU A 218 36.66 29.46 -13.58
N LYS A 219 36.44 29.49 -12.26
CA LYS A 219 37.40 30.11 -11.35
C LYS A 219 38.71 29.32 -11.32
N GLN A 220 38.61 28.01 -11.10
CA GLN A 220 39.75 27.10 -11.19
C GLN A 220 40.33 27.03 -12.61
N LYS A 221 39.65 27.58 -13.60
CA LYS A 221 40.33 27.85 -14.86
C LYS A 221 41.16 29.12 -14.76
N GLU A 222 40.65 30.14 -14.08
CA GLU A 222 41.42 31.36 -13.85
C GLU A 222 42.66 31.06 -13.02
N PHE A 223 42.47 30.65 -11.77
CA PHE A 223 43.59 30.14 -10.97
C PHE A 223 44.06 28.82 -11.57
N GLY A 224 45.36 28.67 -11.75
CA GLY A 224 45.88 27.67 -12.65
C GLY A 224 45.72 26.23 -12.24
N ASN A 225 44.48 25.81 -12.00
CA ASN A 225 44.20 24.40 -11.73
C ASN A 225 44.43 23.59 -13.00
N PRO A 226 45.28 22.56 -12.98
CA PRO A 226 45.58 21.83 -14.22
C PRO A 226 44.44 20.98 -14.73
N HIS A 227 43.51 20.56 -13.88
CA HIS A 227 42.42 19.68 -14.26
C HIS A 227 41.13 20.51 -14.34
N VAL A 228 40.95 21.17 -15.49
CA VAL A 228 39.71 21.88 -15.80
C VAL A 228 39.23 21.42 -17.17
N SER A 229 39.54 20.17 -17.50
CA SER A 229 39.27 19.64 -18.83
C SER A 229 37.80 19.76 -19.20
N GLY A 230 37.54 19.91 -20.50
CA GLY A 230 36.16 19.89 -20.96
C GLY A 230 35.49 18.55 -20.73
N GLY A 231 36.25 17.46 -20.89
CA GLY A 231 35.70 16.15 -20.59
C GLY A 231 35.32 16.00 -19.13
N LEU A 232 36.19 16.48 -18.22
CA LEU A 232 35.89 16.41 -16.80
C LEU A 232 34.66 17.24 -16.45
N LYS A 233 34.57 18.46 -17.01
CA LYS A 233 33.43 19.32 -16.72
C LYS A 233 32.14 18.69 -17.24
N GLU A 234 32.16 18.18 -18.47
CA GLU A 234 30.96 17.55 -19.02
C GLU A 234 30.57 16.32 -18.20
N GLY A 235 31.55 15.50 -17.81
CA GLY A 235 31.23 14.33 -17.01
C GLY A 235 30.63 14.67 -15.67
N ILE A 236 31.22 15.66 -14.98
CA ILE A 236 30.72 16.02 -13.66
C ILE A 236 29.33 16.63 -13.78
N GLU A 237 29.10 17.48 -14.78
CA GLU A 237 27.79 18.08 -14.94
C GLU A 237 26.74 17.03 -15.31
N THR A 238 27.11 16.05 -16.13
CA THR A 238 26.18 14.97 -16.45
C THR A 238 25.85 14.13 -15.22
N LEU A 239 26.88 13.75 -14.45
CA LEU A 239 26.65 13.01 -13.22
C LEU A 239 25.80 13.79 -12.23
N LEU A 240 25.91 15.12 -12.24
CA LEU A 240 25.12 15.94 -11.32
C LEU A 240 23.67 16.06 -11.78
N MET A 241 23.43 16.23 -13.08
CA MET A 241 22.10 16.58 -13.58
C MET A 241 21.27 15.39 -14.03
N THR A 242 21.90 14.34 -14.56
CA THR A 242 21.15 13.26 -15.22
C THR A 242 20.34 12.47 -14.21
N GLN A 243 19.05 12.27 -14.52
CA GLN A 243 18.18 11.38 -13.76
C GLN A 243 17.50 10.41 -14.70
N ARG A 244 17.20 9.22 -14.20
CA ARG A 244 16.45 8.26 -14.99
C ARG A 244 15.00 8.71 -15.10
N PRO A 245 14.37 8.52 -16.26
CA PRO A 245 13.00 9.04 -16.44
C PRO A 245 11.98 8.27 -15.64
N ALA A 246 10.92 8.97 -15.24
CA ALA A 246 9.88 8.33 -14.44
C ALA A 246 9.03 7.37 -15.27
N LEU A 247 8.67 7.78 -16.49
CA LEU A 247 7.87 6.96 -17.38
C LEU A 247 8.65 6.70 -18.66
N SER A 248 8.80 5.44 -19.02
CA SER A 248 9.54 5.05 -20.21
C SER A 248 9.00 3.74 -20.75
N GLY A 249 8.85 3.67 -22.07
CA GLY A 249 8.35 2.46 -22.70
C GLY A 249 6.87 2.27 -22.53
N ASP A 250 6.46 1.02 -22.33
CA ASP A 250 5.05 0.66 -22.17
C ASP A 250 4.56 0.87 -20.74
N ALA A 251 5.25 1.70 -19.95
CA ALA A 251 4.84 1.96 -18.57
C ALA A 251 3.38 2.42 -18.50
N VAL A 252 3.00 3.35 -19.38
CA VAL A 252 1.62 3.80 -19.40
C VAL A 252 0.71 2.74 -20.01
N GLN A 253 1.18 2.06 -21.06
CA GLN A 253 0.36 1.06 -21.74
C GLN A 253 0.00 -0.10 -20.81
N LYS A 254 0.93 -0.48 -19.93
CA LYS A 254 0.66 -1.58 -19.01
C LYS A 254 -0.35 -1.20 -17.93
N MET A 255 -0.57 0.08 -17.70
CA MET A 255 -1.48 0.56 -16.68
C MET A 255 -2.86 0.90 -17.21
N LEU A 256 -3.06 0.81 -18.53
CA LEU A 256 -4.34 1.19 -19.12
C LEU A 256 -5.41 0.13 -18.87
N GLY A 257 -6.65 0.60 -18.76
CA GLY A 257 -7.78 -0.30 -18.71
C GLY A 257 -8.08 -0.86 -20.09
N HIS A 258 -9.23 -1.52 -20.18
CA HIS A 258 -9.66 -2.17 -21.41
C HIS A 258 -10.85 -1.43 -22.00
N CYS A 259 -10.89 -1.36 -23.33
CA CYS A 259 -11.97 -0.67 -24.02
C CYS A 259 -13.30 -1.36 -23.73
N THR A 260 -14.38 -0.57 -23.82
CA THR A 260 -15.70 -1.08 -23.46
C THR A 260 -16.21 -2.09 -24.49
N PHE A 261 -16.31 -1.67 -25.75
CA PHE A 261 -16.86 -2.54 -26.80
C PHE A 261 -15.75 -3.28 -27.54
N GLU A 262 -14.79 -2.54 -28.09
CA GLU A 262 -13.68 -3.16 -28.82
C GLU A 262 -12.85 -4.02 -27.87
N PRO A 263 -12.72 -5.32 -28.12
CA PRO A 263 -12.09 -6.21 -27.13
C PRO A 263 -10.60 -5.97 -26.95
N ALA A 264 -9.85 -5.96 -28.04
CA ALA A 264 -8.39 -5.91 -28.01
C ALA A 264 -7.87 -4.53 -28.42
N GLU A 265 -8.57 -3.47 -28.03
CA GLU A 265 -8.17 -2.13 -28.40
C GLU A 265 -7.91 -1.28 -27.16
N PRO A 266 -6.87 -0.46 -27.16
CA PRO A 266 -6.59 0.40 -26.00
C PRO A 266 -7.49 1.62 -25.96
N LYS A 267 -7.57 2.21 -24.78
CA LYS A 267 -8.38 3.40 -24.59
C LYS A 267 -7.82 4.58 -25.40
N ALA A 268 -8.73 5.43 -25.87
CA ALA A 268 -8.33 6.63 -26.60
C ALA A 268 -7.91 7.71 -25.61
N ALA A 269 -6.87 8.47 -25.98
CA ALA A 269 -6.42 9.55 -25.13
C ALA A 269 -7.45 10.67 -25.09
N LYS A 270 -7.62 11.25 -23.90
CA LYS A 270 -8.58 12.34 -23.74
C LYS A 270 -8.20 13.57 -24.56
N ASN A 271 -6.90 13.74 -24.85
CA ASN A 271 -6.42 14.86 -25.64
C ASN A 271 -6.29 14.52 -27.13
N THR A 272 -7.05 13.54 -27.59
CA THR A 272 -7.12 13.19 -29.00
C THR A 272 -8.10 14.09 -29.72
N TYR A 273 -7.95 14.19 -31.04
CA TYR A 273 -8.94 14.91 -31.83
C TYR A 273 -10.28 14.18 -31.83
N THR A 274 -10.25 12.88 -32.11
CA THR A 274 -11.48 12.10 -32.12
C THR A 274 -12.14 12.10 -30.75
N ALA A 275 -11.36 11.94 -29.68
CA ALA A 275 -11.93 11.88 -28.34
C ALA A 275 -12.44 13.25 -27.88
N GLU A 276 -11.74 14.32 -28.26
CA GLU A 276 -12.22 15.65 -27.88
C GLU A 276 -13.48 16.02 -28.64
N ARG A 277 -13.53 15.69 -29.93
CA ARG A 277 -14.78 15.86 -30.67
C ARG A 277 -15.89 14.97 -30.11
N PHE A 278 -15.53 13.81 -29.58
CA PHE A 278 -16.53 12.94 -28.97
C PHE A 278 -17.10 13.55 -27.69
N ILE A 279 -16.23 14.13 -26.86
CA ILE A 279 -16.71 14.83 -25.67
C ILE A 279 -17.59 16.00 -26.08
N TRP A 280 -17.16 16.74 -27.11
CA TRP A 280 -17.95 17.86 -27.60
C TRP A 280 -19.33 17.42 -28.05
N LEU A 281 -19.40 16.36 -28.86
CA LEU A 281 -20.68 15.89 -29.37
C LEU A 281 -21.54 15.27 -28.28
N THR A 282 -20.93 14.61 -27.30
CA THR A 282 -21.68 14.12 -26.15
C THR A 282 -22.35 15.28 -25.42
N LYS A 283 -21.56 16.30 -25.08
CA LYS A 283 -22.11 17.49 -24.42
C LYS A 283 -23.23 18.09 -25.25
N LEU A 284 -23.01 18.22 -26.57
CA LEU A 284 -23.98 18.91 -27.42
C LEU A 284 -25.28 18.13 -27.55
N ASN A 285 -25.20 16.85 -27.92
CA ASN A 285 -26.40 16.05 -28.13
C ASN A 285 -27.12 15.75 -26.83
N ASN A 286 -26.40 15.60 -25.72
CA ASN A 286 -27.03 15.43 -24.42
C ASN A 286 -27.30 16.77 -23.73
N LEU A 287 -27.14 17.87 -24.45
CA LEU A 287 -27.48 19.19 -23.97
C LEU A 287 -28.93 19.56 -24.28
N ARG A 288 -29.82 18.57 -24.39
CA ARG A 288 -31.21 18.87 -24.71
C ARG A 288 -31.81 19.51 -23.47
N ILE A 289 -31.52 20.80 -23.31
CA ILE A 289 -31.76 21.49 -22.05
C ILE A 289 -32.10 22.96 -22.37
N LEU A 290 -33.39 23.23 -22.49
CA LEU A 290 -33.88 24.59 -22.75
C LEU A 290 -35.23 24.71 -22.04
N GLU A 291 -35.24 25.40 -20.91
CA GLU A 291 -36.38 25.41 -20.00
C GLU A 291 -37.26 26.62 -20.27
N GLN A 292 -38.40 26.38 -20.94
CA GLN A 292 -39.47 27.35 -21.09
C GLN A 292 -40.68 26.94 -20.26
N GLY A 293 -40.44 26.30 -19.11
CA GLY A 293 -41.42 25.49 -18.46
C GLY A 293 -41.42 24.05 -18.94
N SER A 294 -40.70 23.77 -20.02
CA SER A 294 -40.54 22.42 -20.56
C SER A 294 -39.26 22.37 -21.36
N GLU A 295 -38.54 21.26 -21.25
CA GLU A 295 -37.25 21.12 -21.93
C GLU A 295 -37.46 20.78 -23.41
N ARG A 296 -36.44 21.06 -24.20
CA ARG A 296 -36.46 20.77 -25.63
C ARG A 296 -35.04 20.56 -26.13
N PRO A 297 -34.83 19.70 -27.12
CA PRO A 297 -33.49 19.53 -27.68
C PRO A 297 -33.07 20.69 -28.57
N LEU A 298 -31.84 20.64 -29.08
CA LEU A 298 -31.38 21.60 -30.07
C LEU A 298 -31.68 21.08 -31.47
N THR A 299 -32.24 21.94 -32.31
CA THR A 299 -32.50 21.53 -33.68
C THR A 299 -31.19 21.35 -34.44
N ASP A 300 -31.29 20.69 -35.60
CA ASP A 300 -30.09 20.36 -36.37
C ASP A 300 -29.34 21.61 -36.82
N THR A 301 -30.07 22.64 -37.24
CA THR A 301 -29.41 23.88 -37.64
C THR A 301 -28.75 24.56 -36.46
N GLU A 302 -29.41 24.55 -35.30
CA GLU A 302 -28.80 25.11 -34.08
C GLU A 302 -27.50 24.40 -33.76
N ARG A 303 -27.52 23.06 -33.79
CA ARG A 303 -26.32 22.28 -33.49
C ARG A 303 -25.21 22.57 -34.49
N ALA A 304 -25.54 22.58 -35.78
CA ALA A 304 -24.52 22.82 -36.80
C ALA A 304 -23.95 24.24 -36.71
N THR A 305 -24.77 25.21 -36.29
CA THR A 305 -24.28 26.57 -36.16
C THR A 305 -23.36 26.71 -34.95
N LEU A 306 -23.73 26.09 -33.83
CA LEU A 306 -22.95 26.25 -32.60
C LEU A 306 -21.78 25.28 -32.50
N MET A 307 -21.71 24.26 -33.35
CA MET A 307 -20.78 23.16 -33.13
C MET A 307 -19.33 23.57 -33.35
N ASP A 308 -19.04 24.27 -34.44
CA ASP A 308 -17.66 24.50 -34.85
C ASP A 308 -17.10 25.82 -34.32
N GLU A 309 -17.72 26.42 -33.32
CA GLU A 309 -17.20 27.63 -32.69
C GLU A 309 -16.03 27.36 -31.75
N PRO A 310 -16.06 26.29 -30.93
CA PRO A 310 -14.91 26.04 -30.04
C PRO A 310 -13.57 25.96 -30.75
N TYR A 311 -13.55 25.56 -32.02
CA TYR A 311 -12.31 25.61 -32.78
C TYR A 311 -11.93 27.05 -33.13
N ARG A 312 -12.92 27.86 -33.48
CA ARG A 312 -12.65 29.24 -33.88
C ARG A 312 -12.17 30.08 -32.69
N LYS A 313 -12.96 30.14 -31.63
CA LYS A 313 -12.57 30.87 -30.44
C LYS A 313 -11.77 29.95 -29.52
N SER A 314 -11.50 30.40 -28.29
CA SER A 314 -10.68 29.64 -27.35
C SER A 314 -11.54 28.68 -26.53
N LYS A 315 -12.50 29.22 -25.78
CA LYS A 315 -13.41 28.42 -24.97
C LYS A 315 -14.84 28.82 -25.31
N LEU A 316 -15.63 27.86 -25.79
CA LEU A 316 -17.04 28.13 -26.09
C LEU A 316 -17.82 28.03 -24.80
N THR A 317 -17.99 29.15 -24.11
CA THR A 317 -18.74 29.21 -22.87
C THR A 317 -20.22 29.36 -23.16
N TYR A 318 -21.03 29.26 -22.08
CA TYR A 318 -22.48 29.28 -22.25
C TYR A 318 -22.98 30.64 -22.72
N ALA A 319 -22.34 31.72 -22.24
CA ALA A 319 -22.74 33.06 -22.64
C ALA A 319 -22.56 33.26 -24.14
N GLN A 320 -21.43 32.81 -24.69
CA GLN A 320 -21.22 32.89 -26.13
C GLN A 320 -22.24 32.06 -26.88
N ALA A 321 -22.58 30.88 -26.35
CA ALA A 321 -23.59 30.04 -26.97
C ALA A 321 -24.92 30.76 -27.07
N ARG A 322 -25.39 31.36 -25.97
CA ARG A 322 -26.63 32.10 -26.03
C ARG A 322 -26.54 33.29 -26.98
N LYS A 323 -25.45 34.06 -26.88
CA LYS A 323 -25.28 35.21 -27.75
C LYS A 323 -25.16 34.84 -29.22
N LEU A 324 -24.92 33.56 -29.53
CA LEU A 324 -24.82 33.14 -30.93
C LEU A 324 -26.19 32.92 -31.56
N LEU A 325 -27.08 32.24 -30.85
CA LEU A 325 -28.42 31.92 -31.36
C LEU A 325 -29.71 32.28 -30.59
N GLY A 326 -29.82 31.94 -29.32
CA GLY A 326 -31.01 32.14 -28.50
C GLY A 326 -31.67 33.46 -28.14
N LEU A 327 -32.63 33.38 -27.23
CA LEU A 327 -33.43 34.52 -26.72
C LEU A 327 -33.19 34.89 -25.25
N GLU A 328 -34.23 34.98 -24.40
CA GLU A 328 -34.01 35.36 -22.99
C GLU A 328 -35.00 34.90 -21.92
N ASP A 329 -36.15 34.37 -22.34
CA ASP A 329 -37.21 33.95 -21.42
C ASP A 329 -37.29 32.46 -21.10
N THR A 330 -37.12 31.59 -22.07
CA THR A 330 -37.07 30.19 -21.76
C THR A 330 -35.59 30.05 -21.50
N ALA A 331 -35.17 30.18 -20.25
CA ALA A 331 -33.76 30.19 -19.86
C ALA A 331 -32.97 28.98 -20.22
N PHE A 332 -33.62 27.83 -20.17
CA PHE A 332 -32.97 26.55 -20.42
C PHE A 332 -31.69 26.35 -19.60
N PHE A 333 -30.70 25.73 -20.23
CA PHE A 333 -29.45 25.39 -19.60
C PHE A 333 -29.69 24.64 -18.32
N LYS A 334 -30.22 23.44 -18.49
CA LYS A 334 -30.56 22.50 -17.42
C LYS A 334 -29.70 22.34 -16.14
N GLY A 335 -30.35 22.29 -14.98
CA GLY A 335 -29.61 21.97 -13.78
C GLY A 335 -28.16 22.45 -13.74
N LEU A 336 -27.91 23.69 -14.14
CA LEU A 336 -26.64 24.34 -13.84
C LEU A 336 -26.79 25.57 -12.94
N ARG A 337 -28.03 25.99 -12.67
CA ARG A 337 -28.33 27.02 -11.67
C ARG A 337 -27.45 28.26 -11.82
N GLU A 344 -23.42 32.09 -13.28
CA GLU A 344 -22.56 32.52 -14.36
C GLU A 344 -22.44 31.46 -15.45
N ALA A 345 -21.62 31.73 -16.46
CA ALA A 345 -21.37 30.80 -17.57
C ALA A 345 -19.91 30.38 -17.51
N SER A 346 -19.66 29.11 -17.19
CA SER A 346 -18.30 28.64 -16.96
C SER A 346 -17.89 27.68 -18.09
N THR A 347 -17.48 28.28 -19.21
CA THR A 347 -16.64 27.72 -20.27
C THR A 347 -17.28 26.59 -21.07
N LEU A 348 -18.27 25.90 -20.52
CA LEU A 348 -19.23 25.05 -21.24
C LEU A 348 -18.61 23.97 -22.11
N MET A 349 -17.33 24.11 -22.47
CA MET A 349 -16.56 23.20 -23.31
C MET A 349 -15.19 23.82 -23.55
N GLU A 350 -14.15 22.99 -23.65
CA GLU A 350 -12.82 23.48 -23.96
C GLU A 350 -12.17 22.53 -24.93
N MET A 351 -11.88 23.00 -26.14
CA MET A 351 -11.19 22.18 -27.14
C MET A 351 -9.68 22.19 -26.86
N LYS A 352 -9.34 21.63 -25.69
CA LYS A 352 -8.01 21.86 -25.13
C LYS A 352 -6.90 21.26 -25.99
N ALA A 353 -7.17 20.12 -26.64
CA ALA A 353 -6.14 19.51 -27.48
C ALA A 353 -5.85 20.34 -28.71
N TYR A 354 -6.89 20.61 -29.51
CA TYR A 354 -6.73 21.41 -30.72
C TYR A 354 -6.23 22.81 -30.39
N HIS A 355 -6.85 23.46 -29.40
CA HIS A 355 -6.45 24.81 -29.02
C HIS A 355 -5.01 24.84 -28.51
N ALA A 356 -4.61 23.81 -27.76
CA ALA A 356 -3.26 23.77 -27.20
C ALA A 356 -2.23 23.58 -28.30
N ILE A 357 -2.48 22.66 -29.23
CA ILE A 357 -1.58 22.48 -30.37
C ILE A 357 -1.50 23.77 -31.17
N SER A 358 -2.64 24.46 -31.34
CA SER A 358 -2.66 25.69 -32.10
C SER A 358 -1.80 26.77 -31.44
N ARG A 359 -2.00 26.99 -30.14
CA ARG A 359 -1.23 28.04 -29.46
C ARG A 359 0.25 27.67 -29.35
N ALA A 360 0.56 26.37 -29.25
CA ALA A 360 1.96 25.95 -29.23
C ALA A 360 2.64 26.22 -30.56
N LEU A 361 1.95 25.90 -31.67
CA LEU A 361 2.54 26.18 -32.98
C LEU A 361 2.57 27.69 -33.26
N GLU A 362 1.62 28.45 -32.70
CA GLU A 362 1.66 29.90 -32.84
C GLU A 362 2.75 30.54 -32.00
N LYS A 363 3.22 29.84 -30.96
CA LYS A 363 4.30 30.38 -30.13
C LYS A 363 5.58 30.56 -30.95
N GLU A 364 6.01 29.51 -31.66
CA GLU A 364 7.23 29.61 -32.45
C GLU A 364 7.06 29.14 -33.89
N GLY A 365 6.19 28.16 -34.12
CA GLY A 365 6.17 27.42 -35.35
C GLY A 365 5.49 28.13 -36.50
N LEU A 366 5.20 27.36 -37.55
CA LEU A 366 4.53 27.86 -38.75
C LEU A 366 3.04 28.01 -38.43
N LYS A 367 2.66 29.17 -37.92
CA LYS A 367 1.30 29.38 -37.49
C LYS A 367 1.03 30.88 -37.35
N ASP A 368 -0.23 31.26 -37.53
CA ASP A 368 -0.67 32.63 -37.32
C ASP A 368 -1.72 32.64 -36.21
N LYS A 369 -1.74 33.74 -35.45
CA LYS A 369 -2.58 33.81 -34.26
C LYS A 369 -4.07 33.73 -34.62
N LYS A 370 -4.52 34.66 -35.46
CA LYS A 370 -5.94 34.69 -35.82
C LYS A 370 -6.31 33.63 -36.84
N SER A 371 -5.36 33.19 -37.66
CA SER A 371 -5.67 32.23 -38.71
C SER A 371 -5.93 30.85 -38.10
N PRO A 372 -6.94 30.13 -38.58
CA PRO A 372 -7.19 28.78 -38.07
C PRO A 372 -6.20 27.78 -38.63
N LEU A 373 -5.72 26.89 -37.77
CA LEU A 373 -4.74 25.90 -38.16
C LEU A 373 -5.40 24.59 -38.56
N ASN A 374 -4.60 23.71 -39.15
CA ASN A 374 -5.11 22.49 -39.75
C ASN A 374 -4.02 21.43 -39.78
N LEU A 375 -4.42 20.18 -39.54
CA LEU A 375 -3.55 19.04 -39.70
C LEU A 375 -4.44 17.82 -39.92
N SER A 376 -3.84 16.76 -40.47
CA SER A 376 -4.58 15.53 -40.69
C SER A 376 -5.15 15.03 -39.37
N SER A 377 -6.46 14.80 -39.34
CA SER A 377 -7.11 14.36 -38.11
C SER A 377 -6.48 13.07 -37.59
N GLU A 378 -6.08 12.18 -38.49
CA GLU A 378 -5.36 10.98 -38.08
C GLU A 378 -4.02 11.34 -37.45
N LEU A 379 -3.33 12.35 -37.98
CA LEU A 379 -2.07 12.78 -37.39
C LEU A 379 -2.29 13.40 -36.01
N GLN A 380 -3.37 14.15 -35.84
CA GLN A 380 -3.70 14.67 -34.51
C GLN A 380 -3.95 13.52 -33.54
N ASP A 381 -4.68 12.49 -33.99
CA ASP A 381 -4.89 11.30 -33.16
C ASP A 381 -3.55 10.66 -32.79
N GLU A 382 -2.65 10.53 -33.76
CA GLU A 382 -1.38 9.86 -33.51
C GLU A 382 -0.54 10.65 -32.50
N ILE A 383 -0.47 11.97 -32.65
CA ILE A 383 0.36 12.75 -31.73
C ILE A 383 -0.27 12.80 -30.34
N GLY A 384 -1.60 12.84 -30.25
CA GLY A 384 -2.23 12.76 -28.94
C GLY A 384 -1.94 11.45 -28.24
N THR A 385 -2.08 10.34 -28.98
CA THR A 385 -1.78 9.02 -28.41
C THR A 385 -0.31 8.92 -28.01
N ALA A 386 0.59 9.50 -28.80
CA ALA A 386 2.01 9.45 -28.49
C ALA A 386 2.32 10.23 -27.22
N PHE A 387 1.79 11.44 -27.10
CA PHE A 387 2.06 12.25 -25.91
C PHE A 387 1.32 11.74 -24.68
N SER A 388 0.29 10.92 -24.85
CA SER A 388 -0.36 10.33 -23.68
C SER A 388 0.31 9.02 -23.24
N LEU A 389 0.78 8.22 -24.18
CA LEU A 389 1.40 6.95 -23.87
C LEU A 389 2.89 7.04 -23.56
N PHE A 390 3.54 8.15 -23.91
CA PHE A 390 4.98 8.31 -23.69
C PHE A 390 5.26 9.74 -23.26
N LYS A 391 6.33 9.92 -22.50
CA LYS A 391 6.73 11.22 -21.99
C LYS A 391 8.14 11.62 -22.35
N THR A 392 9.06 10.66 -22.51
CA THR A 392 10.42 10.99 -22.90
C THR A 392 10.45 11.40 -24.38
N ASP A 393 11.33 12.35 -24.69
CA ASP A 393 11.49 12.76 -26.09
C ASP A 393 11.92 11.59 -26.97
N GLU A 394 12.71 10.67 -26.41
CA GLU A 394 13.17 9.51 -27.18
C GLU A 394 12.00 8.68 -27.69
N ASP A 395 11.10 8.28 -26.80
CA ASP A 395 9.97 7.44 -27.20
C ASP A 395 9.00 8.18 -28.11
N ILE A 396 8.76 9.46 -27.82
CA ILE A 396 7.84 10.24 -28.64
C ILE A 396 8.37 10.40 -30.05
N THR A 397 9.66 10.69 -30.20
CA THR A 397 10.25 10.74 -31.55
C THR A 397 10.25 9.37 -32.20
N GLY A 398 10.55 8.32 -31.44
CA GLY A 398 10.52 6.98 -32.01
C GLY A 398 9.15 6.56 -32.50
N ARG A 399 8.09 7.14 -31.94
CA ARG A 399 6.75 6.86 -32.44
C ARG A 399 6.30 7.81 -33.54
N LEU A 400 6.80 9.05 -33.55
CA LEU A 400 6.32 10.05 -34.49
C LEU A 400 7.34 10.44 -35.56
N LYS A 401 8.51 9.79 -35.61
CA LYS A 401 9.44 10.06 -36.69
C LYS A 401 8.90 9.52 -38.00
N ASP A 402 9.02 10.34 -39.06
CA ASP A 402 8.48 10.01 -40.39
C ASP A 402 7.00 9.67 -40.31
N ARG A 403 6.31 10.21 -39.32
CA ARG A 403 4.87 10.39 -39.33
C ARG A 403 4.49 11.85 -39.36
N VAL A 404 5.33 12.69 -38.77
CA VAL A 404 5.18 14.15 -38.77
C VAL A 404 6.49 14.76 -39.20
N GLN A 405 6.45 16.05 -39.55
CA GLN A 405 7.66 16.73 -39.97
C GLN A 405 8.56 17.03 -38.77
N PRO A 406 9.88 17.16 -38.99
CA PRO A 406 10.79 17.33 -37.85
C PRO A 406 10.62 18.64 -37.10
N GLU A 407 10.34 19.75 -37.79
CA GLU A 407 10.26 21.05 -37.13
C GLU A 407 9.05 21.12 -36.21
N ILE A 408 7.88 20.73 -36.71
CA ILE A 408 6.68 20.74 -35.88
C ILE A 408 6.81 19.72 -34.74
N LEU A 409 7.53 18.62 -34.98
CA LEU A 409 7.79 17.67 -33.90
C LEU A 409 8.65 18.29 -32.81
N GLU A 410 9.67 19.07 -33.21
CA GLU A 410 10.49 19.77 -32.23
C GLU A 410 9.66 20.75 -31.42
N ALA A 411 8.77 21.50 -32.07
CA ALA A 411 7.91 22.44 -31.36
C ALA A 411 6.98 21.70 -30.37
N LEU A 412 6.37 20.61 -30.84
CA LEU A 412 5.49 19.82 -29.98
C LEU A 412 6.22 19.30 -28.75
N LEU A 413 7.41 18.73 -28.96
CA LEU A 413 8.21 18.30 -27.82
C LEU A 413 8.62 19.48 -26.94
N LYS A 414 8.69 20.68 -27.52
CA LYS A 414 9.00 21.85 -26.71
C LYS A 414 7.88 22.19 -25.73
N HIS A 415 6.61 22.10 -26.18
CA HIS A 415 5.59 22.68 -25.30
C HIS A 415 4.28 21.88 -25.22
N ILE A 416 4.32 20.56 -25.34
CA ILE A 416 3.09 19.75 -25.31
C ILE A 416 3.20 18.66 -24.25
N SER A 417 2.12 18.44 -23.51
CA SER A 417 2.04 17.39 -22.51
C SER A 417 0.58 16.99 -22.31
N PHE A 418 0.29 15.70 -22.50
CA PHE A 418 -1.05 15.16 -22.35
C PHE A 418 -1.07 14.10 -21.26
N ASP A 419 -2.13 14.09 -20.45
CA ASP A 419 -2.21 13.13 -19.34
C ASP A 419 -3.39 12.18 -19.45
N LYS A 420 -4.62 12.68 -19.56
CA LYS A 420 -5.77 11.82 -19.28
C LYS A 420 -6.18 10.99 -20.49
N PHE A 421 -7.14 10.08 -20.26
CA PHE A 421 -7.68 9.18 -21.26
C PHE A 421 -9.20 9.21 -21.20
N VAL A 422 -9.85 8.44 -22.09
CA VAL A 422 -11.29 8.21 -22.05
C VAL A 422 -11.53 6.72 -21.97
N GLN A 423 -12.81 6.31 -21.96
CA GLN A 423 -13.19 4.94 -21.67
C GLN A 423 -13.43 4.09 -22.92
N ILE A 424 -13.23 4.64 -24.11
CA ILE A 424 -13.55 3.92 -25.34
C ILE A 424 -12.42 4.12 -26.34
N SER A 425 -12.20 3.09 -27.17
CA SER A 425 -11.05 3.05 -28.06
C SER A 425 -11.24 3.99 -29.25
N LEU A 426 -10.14 4.19 -29.99
CA LEU A 426 -10.18 5.05 -31.17
C LEU A 426 -11.00 4.44 -32.29
N LYS A 427 -11.03 3.10 -32.39
CA LYS A 427 -11.78 2.45 -33.46
C LYS A 427 -13.28 2.59 -33.24
N ALA A 428 -13.76 2.21 -32.05
CA ALA A 428 -15.16 2.42 -31.73
C ALA A 428 -15.52 3.89 -31.78
N LEU A 429 -14.59 4.77 -31.40
CA LEU A 429 -14.86 6.20 -31.46
C LEU A 429 -15.03 6.66 -32.91
N ARG A 430 -14.17 6.20 -33.81
CA ARG A 430 -14.30 6.58 -35.21
C ARG A 430 -15.58 6.02 -35.81
N ARG A 431 -16.03 4.86 -35.33
CA ARG A 431 -17.31 4.33 -35.81
C ARG A 431 -18.51 5.07 -35.22
N ILE A 432 -18.36 5.64 -34.04
CA ILE A 432 -19.50 6.19 -33.31
C ILE A 432 -19.70 7.68 -33.59
N VAL A 433 -18.63 8.47 -33.65
CA VAL A 433 -18.74 9.92 -33.69
C VAL A 433 -19.49 10.47 -34.90
N PRO A 434 -19.49 9.84 -36.08
CA PRO A 434 -20.34 10.40 -37.16
C PRO A 434 -21.82 10.28 -36.87
N LEU A 435 -22.24 9.20 -36.21
CA LEU A 435 -23.64 9.05 -35.84
C LEU A 435 -24.06 10.14 -34.86
N MET A 436 -23.13 10.60 -34.01
CA MET A 436 -23.43 11.72 -33.14
C MET A 436 -23.38 13.05 -33.88
N GLU A 437 -22.51 13.16 -34.88
CA GLU A 437 -22.53 14.34 -35.74
C GLU A 437 -23.88 14.49 -36.44
N GLN A 438 -24.50 13.37 -36.80
CA GLN A 438 -25.83 13.41 -37.38
C GLN A 438 -26.85 13.93 -36.38
N GLY A 439 -26.74 13.52 -35.11
CA GLY A 439 -27.65 13.98 -34.08
C GLY A 439 -28.09 12.88 -33.14
N LYS A 440 -27.72 11.64 -33.45
CA LYS A 440 -28.11 10.51 -32.62
C LYS A 440 -27.37 10.55 -31.28
N ARG A 441 -27.98 9.93 -30.27
CA ARG A 441 -27.39 9.89 -28.95
C ARG A 441 -26.32 8.81 -28.86
N TYR A 442 -25.62 8.80 -27.74
CA TYR A 442 -24.55 7.81 -27.53
C TYR A 442 -25.12 6.39 -27.49
N ASP A 443 -26.16 6.19 -26.69
CA ASP A 443 -26.79 4.87 -26.60
C ASP A 443 -27.41 4.46 -27.94
N GLU A 444 -27.95 5.42 -28.69
CA GLU A 444 -28.50 5.10 -30.01
C GLU A 444 -27.42 4.58 -30.94
N ALA A 445 -26.26 5.26 -30.96
CA ALA A 445 -25.16 4.82 -31.82
C ALA A 445 -24.64 3.47 -31.37
N CYS A 446 -24.54 3.25 -30.06
CA CYS A 446 -24.06 1.96 -29.55
C CYS A 446 -25.01 0.84 -29.95
N ALA A 447 -26.32 1.06 -29.83
CA ALA A 447 -27.29 0.04 -30.21
C ALA A 447 -27.30 -0.18 -31.72
N GLU A 448 -27.02 0.86 -32.49
CA GLU A 448 -26.99 0.71 -33.95
C GLU A 448 -25.76 -0.06 -34.41
N ILE A 449 -24.63 0.14 -33.74
CA ILE A 449 -23.38 -0.46 -34.19
C ILE A 449 -23.18 -1.85 -33.60
N TYR A 450 -23.36 -2.02 -32.28
CA TYR A 450 -23.02 -3.26 -31.60
C TYR A 450 -24.24 -4.10 -31.25
N GLY A 451 -25.42 -3.74 -31.76
CA GLY A 451 -26.60 -4.58 -31.59
C GLY A 451 -27.12 -4.67 -30.17
N ASP A 452 -27.00 -3.59 -29.39
CA ASP A 452 -27.63 -3.41 -28.08
C ASP A 452 -27.17 -4.44 -27.05
N HIS A 453 -26.30 -5.35 -27.44
CA HIS A 453 -25.72 -6.28 -26.47
C HIS A 453 -24.39 -5.73 -25.96
N TYR A 454 -23.43 -5.55 -26.87
CA TYR A 454 -22.23 -4.75 -26.65
C TYR A 454 -21.31 -5.35 -25.60
N GLY A 455 -21.76 -6.43 -24.95
CA GLY A 455 -20.95 -7.18 -24.03
C GLY A 455 -21.60 -8.50 -23.73
N LYS A 456 -20.86 -9.59 -23.89
CA LYS A 456 -21.39 -10.94 -23.70
C LYS A 456 -20.75 -11.53 -22.46
N LYS A 457 -21.56 -11.74 -21.41
CA LYS A 457 -21.04 -12.39 -20.22
C LYS A 457 -20.54 -13.78 -20.52
N ASN A 458 -21.16 -14.47 -21.48
CA ASN A 458 -20.85 -15.86 -21.78
C ASN A 458 -20.79 -16.66 -20.48
N THR A 459 -21.94 -16.72 -19.81
CA THR A 459 -21.98 -17.08 -18.39
C THR A 459 -21.70 -18.57 -18.25
N GLU A 460 -20.40 -18.90 -18.24
CA GLU A 460 -19.96 -20.27 -18.09
C GLU A 460 -20.17 -20.72 -16.65
N GLU A 461 -21.43 -20.92 -16.27
CA GLU A 461 -21.78 -21.27 -14.90
C GLU A 461 -21.25 -22.67 -14.59
N LYS A 462 -20.31 -22.74 -13.65
CA LYS A 462 -19.73 -24.00 -13.20
C LYS A 462 -20.12 -24.27 -11.75
N ILE A 463 -19.83 -25.48 -11.30
CA ILE A 463 -20.05 -25.83 -9.90
C ILE A 463 -19.03 -25.11 -9.02
N TYR A 464 -17.75 -25.22 -9.37
CA TYR A 464 -16.72 -24.49 -8.66
C TYR A 464 -16.69 -23.03 -9.12
N LEU A 465 -16.33 -22.15 -8.20
CA LEU A 465 -16.16 -20.74 -8.55
C LEU A 465 -14.70 -20.46 -8.83
N PRO A 466 -14.35 -19.99 -10.03
CA PRO A 466 -12.96 -19.63 -10.32
C PRO A 466 -12.58 -18.36 -9.56
N PRO A 467 -11.28 -18.05 -9.48
CA PRO A 467 -10.85 -16.82 -8.81
C PRO A 467 -11.02 -15.61 -9.74
N ILE A 468 -10.69 -14.44 -9.20
CA ILE A 468 -10.84 -13.18 -9.91
C ILE A 468 -9.61 -12.94 -10.77
N PRO A 469 -9.68 -12.07 -11.79
CA PRO A 469 -8.52 -11.84 -12.65
C PRO A 469 -7.45 -10.98 -12.02
N ALA A 470 -6.43 -10.62 -12.81
CA ALA A 470 -5.31 -9.85 -12.29
C ALA A 470 -5.75 -8.47 -11.80
N ASP A 471 -6.41 -7.70 -12.66
CA ASP A 471 -6.87 -6.36 -12.30
C ASP A 471 -8.24 -6.42 -11.64
N GLU A 472 -8.30 -7.14 -10.51
CA GLU A 472 -9.57 -7.40 -9.84
C GLU A 472 -10.23 -6.13 -9.30
N ILE A 473 -9.63 -5.53 -8.27
CA ILE A 473 -10.18 -4.31 -7.67
C ILE A 473 -9.07 -3.57 -6.93
N ARG A 474 -9.37 -2.34 -6.49
CA ARG A 474 -8.36 -1.51 -5.84
C ARG A 474 -8.00 -2.02 -4.45
N ASN A 475 -8.98 -2.09 -3.56
CA ASN A 475 -8.72 -2.40 -2.16
C ASN A 475 -8.14 -3.80 -1.99
N PRO A 476 -6.91 -3.94 -1.47
CA PRO A 476 -6.37 -5.29 -1.24
C PRO A 476 -7.08 -6.03 -0.12
N VAL A 477 -7.62 -5.31 0.87
CA VAL A 477 -8.43 -5.96 1.90
C VAL A 477 -9.66 -6.60 1.28
N VAL A 478 -10.33 -5.86 0.38
CA VAL A 478 -11.52 -6.41 -0.27
C VAL A 478 -11.14 -7.46 -1.31
N LEU A 479 -9.95 -7.32 -1.93
CA LEU A 479 -9.49 -8.35 -2.84
C LEU A 479 -9.28 -9.67 -2.10
N ARG A 480 -8.61 -9.62 -0.95
CA ARG A 480 -8.44 -10.81 -0.12
C ARG A 480 -9.79 -11.33 0.37
N ALA A 481 -10.71 -10.42 0.70
CA ALA A 481 -12.04 -10.83 1.13
C ALA A 481 -12.74 -11.63 0.04
N LEU A 482 -12.72 -11.11 -1.19
CA LEU A 482 -13.38 -11.81 -2.29
C LEU A 482 -12.68 -13.12 -2.61
N SER A 483 -11.35 -13.15 -2.53
CA SER A 483 -10.62 -14.38 -2.81
C SER A 483 -10.96 -15.47 -1.81
N GLN A 484 -10.89 -15.15 -0.51
CA GLN A 484 -11.21 -16.15 0.50
C GLN A 484 -12.71 -16.48 0.52
N ALA A 485 -13.55 -15.55 0.09
CA ALA A 485 -14.97 -15.84 -0.03
C ALA A 485 -15.22 -16.84 -1.15
N ARG A 486 -14.56 -16.66 -2.30
CA ARG A 486 -14.63 -17.65 -3.37
C ARG A 486 -14.11 -18.99 -2.90
N LYS A 487 -13.03 -18.99 -2.11
CA LYS A 487 -12.50 -20.24 -1.58
C LYS A 487 -13.52 -20.94 -0.69
N VAL A 488 -14.11 -20.19 0.25
CA VAL A 488 -15.05 -20.78 1.19
C VAL A 488 -16.34 -21.22 0.51
N ILE A 489 -16.74 -20.53 -0.56
CA ILE A 489 -17.94 -20.91 -1.28
C ILE A 489 -17.69 -22.16 -2.13
N ASN A 490 -16.55 -22.20 -2.81
CA ASN A 490 -16.21 -23.39 -3.61
C ASN A 490 -16.00 -24.61 -2.73
N GLY A 491 -15.45 -24.42 -1.52
CA GLY A 491 -15.24 -25.56 -0.64
C GLY A 491 -16.53 -26.26 -0.27
N VAL A 492 -17.61 -25.49 -0.10
CA VAL A 492 -18.91 -26.08 0.21
C VAL A 492 -19.66 -26.53 -1.04
N VAL A 493 -19.49 -25.82 -2.15
CA VAL A 493 -20.17 -26.20 -3.39
C VAL A 493 -19.58 -27.49 -3.95
N ARG A 494 -18.29 -27.74 -3.72
CA ARG A 494 -17.63 -28.93 -4.25
C ARG A 494 -17.98 -30.20 -3.49
N ARG A 495 -18.72 -30.10 -2.39
CA ARG A 495 -19.05 -31.28 -1.60
C ARG A 495 -20.49 -31.31 -1.11
N TYR A 496 -21.29 -30.27 -1.38
CA TYR A 496 -22.69 -30.25 -0.97
C TYR A 496 -23.61 -29.85 -2.12
N GLY A 497 -23.13 -29.93 -3.36
CA GLY A 497 -23.93 -29.56 -4.52
C GLY A 497 -24.03 -28.06 -4.68
N SER A 498 -24.51 -27.67 -5.86
CA SER A 498 -24.66 -26.24 -6.17
C SER A 498 -25.78 -25.65 -5.33
N PRO A 499 -25.57 -24.50 -4.69
CA PRO A 499 -26.63 -23.88 -3.89
C PRO A 499 -27.66 -23.18 -4.76
N ALA A 500 -28.90 -23.20 -4.30
CA ALA A 500 -29.97 -22.53 -5.03
C ALA A 500 -29.97 -21.03 -4.75
N ARG A 501 -30.10 -20.64 -3.47
CA ARG A 501 -30.02 -19.24 -3.04
C ARG A 501 -29.07 -19.20 -1.85
N ILE A 502 -27.79 -19.22 -2.17
CA ILE A 502 -26.75 -19.23 -1.19
C ILE A 502 -27.04 -18.14 -0.19
N HIS A 503 -26.18 -17.14 -0.14
CA HIS A 503 -26.31 -16.02 0.76
C HIS A 503 -25.34 -14.95 0.30
N ILE A 504 -25.59 -13.69 0.64
CA ILE A 504 -24.68 -12.60 0.29
C ILE A 504 -24.57 -11.76 1.50
N GLU A 505 -23.38 -11.30 1.87
CA GLU A 505 -23.37 -10.51 3.09
C GLU A 505 -22.02 -9.80 3.19
N THR A 506 -22.01 -8.51 2.87
CA THR A 506 -20.85 -7.66 3.05
C THR A 506 -21.20 -6.58 4.06
N ALA A 507 -20.50 -6.57 5.19
CA ALA A 507 -20.79 -5.62 6.25
C ALA A 507 -20.51 -4.19 5.79
N ARG A 508 -21.07 -3.23 6.53
CA ARG A 508 -20.84 -1.83 6.21
C ARG A 508 -19.38 -1.44 6.43
N GLU A 509 -18.69 -2.16 7.31
CA GLU A 509 -17.27 -1.91 7.56
C GLU A 509 -16.35 -2.72 6.67
N VAL A 510 -16.82 -3.85 6.14
CA VAL A 510 -15.99 -4.69 5.29
C VAL A 510 -15.67 -4.00 3.96
N GLY A 511 -16.48 -3.01 3.57
CA GLY A 511 -16.40 -2.49 2.22
C GLY A 511 -15.13 -1.70 1.96
N LYS A 512 -14.78 -0.79 2.85
CA LYS A 512 -13.74 0.19 2.54
C LYS A 512 -13.40 0.99 3.79
N SER A 513 -12.55 2.01 3.59
CA SER A 513 -12.40 3.15 4.49
C SER A 513 -11.90 2.73 5.89
N PHE A 514 -10.63 2.32 5.93
CA PHE A 514 -9.95 2.17 7.22
C PHE A 514 -10.05 3.43 8.07
N LYS A 515 -9.80 4.59 7.47
CA LYS A 515 -9.82 5.83 8.26
C LYS A 515 -11.21 6.08 8.84
N ASP A 516 -12.24 5.90 8.02
CA ASP A 516 -13.61 6.00 8.54
C ASP A 516 -13.90 4.87 9.51
N ARG A 517 -13.24 3.71 9.35
CA ARG A 517 -13.42 2.62 10.31
C ARG A 517 -12.88 3.00 11.68
N LYS A 518 -11.76 3.72 11.70
CA LYS A 518 -11.23 4.23 12.97
C LYS A 518 -12.10 5.36 13.51
N GLU A 519 -12.69 6.16 12.62
CA GLU A 519 -13.65 7.17 13.07
C GLU A 519 -14.87 6.53 13.71
N ILE A 520 -15.29 5.36 13.22
CA ILE A 520 -16.45 4.69 13.77
C ILE A 520 -16.15 3.97 15.08
N GLU A 521 -14.90 3.58 15.29
CA GLU A 521 -14.51 2.88 16.51
C GLU A 521 -14.56 3.82 17.71
N ASP A 670 -23.43 3.92 2.42
CA ASP A 670 -22.84 2.74 1.80
C ASP A 670 -21.76 3.12 0.79
N THR A 671 -20.99 4.16 1.13
CA THR A 671 -19.90 4.63 0.27
C THR A 671 -18.72 3.69 0.44
N ARG A 672 -18.69 2.64 -0.39
CA ARG A 672 -17.63 1.65 -0.33
C ARG A 672 -17.61 0.89 -1.65
N TYR A 673 -16.57 0.07 -1.82
CA TYR A 673 -16.47 -0.84 -2.96
C TYR A 673 -17.46 -1.98 -2.71
N VAL A 674 -18.72 -1.69 -3.00
CA VAL A 674 -19.84 -2.52 -2.51
C VAL A 674 -20.08 -3.59 -3.59
N ASN A 675 -19.29 -4.68 -3.49
CA ASN A 675 -19.54 -5.92 -4.23
C ASN A 675 -19.69 -5.71 -5.74
N ARG A 676 -19.22 -4.56 -6.24
CA ARG A 676 -19.30 -4.28 -7.67
C ARG A 676 -18.56 -5.33 -8.48
N PHE A 677 -17.55 -5.96 -7.88
CA PHE A 677 -16.89 -7.12 -8.46
C PHE A 677 -17.39 -8.44 -7.90
N LEU A 678 -18.10 -8.41 -6.77
CA LEU A 678 -18.62 -9.62 -6.15
C LEU A 678 -20.00 -10.00 -6.67
N CYS A 679 -20.93 -9.03 -6.70
CA CYS A 679 -22.25 -9.29 -7.25
C CYS A 679 -22.16 -9.77 -8.69
N GLN A 680 -21.38 -9.06 -9.51
CA GLN A 680 -21.21 -9.44 -10.91
C GLN A 680 -20.63 -10.84 -11.03
N PHE A 681 -19.57 -11.13 -10.27
CA PHE A 681 -18.91 -12.43 -10.34
C PHE A 681 -19.86 -13.56 -9.98
N VAL A 682 -20.55 -13.43 -8.84
CA VAL A 682 -21.44 -14.49 -8.37
C VAL A 682 -22.62 -14.66 -9.32
N ALA A 683 -23.15 -13.55 -9.85
CA ALA A 683 -24.31 -13.65 -10.73
C ALA A 683 -23.94 -14.23 -12.08
N ASP A 684 -22.72 -13.98 -12.57
CA ASP A 684 -22.34 -14.48 -13.89
C ASP A 684 -21.87 -15.92 -13.84
N HIS A 685 -20.91 -16.22 -12.96
CA HIS A 685 -20.24 -17.52 -12.97
C HIS A 685 -20.95 -18.58 -12.15
N ILE A 686 -22.19 -18.33 -11.71
CA ILE A 686 -22.97 -19.33 -11.00
C ILE A 686 -24.40 -19.36 -11.52
N VAL A 696 -29.21 -17.28 -5.65
CA VAL A 696 -28.46 -16.34 -4.84
C VAL A 696 -29.41 -15.33 -4.21
N PHE A 697 -29.07 -14.86 -3.00
CA PHE A 697 -29.89 -13.92 -2.27
C PHE A 697 -29.03 -12.75 -1.81
N ALA A 698 -29.43 -11.53 -2.15
CA ALA A 698 -28.70 -10.32 -1.77
C ALA A 698 -29.24 -9.82 -0.43
N SER A 699 -28.55 -10.16 0.65
CA SER A 699 -28.97 -9.75 1.98
C SER A 699 -28.40 -8.38 2.34
N ASN A 700 -29.01 -7.76 3.35
CA ASN A 700 -28.62 -6.43 3.81
C ASN A 700 -28.37 -6.50 5.31
N GLY A 701 -27.11 -6.26 5.71
CA GLY A 701 -26.74 -6.38 7.10
C GLY A 701 -27.62 -5.59 8.05
N GLN A 702 -28.23 -4.50 7.59
CA GLN A 702 -29.13 -3.73 8.43
C GLN A 702 -30.36 -4.54 8.79
N ILE A 703 -31.02 -5.14 7.79
CA ILE A 703 -32.14 -6.03 8.04
C ILE A 703 -31.71 -7.48 8.13
N THR A 704 -30.41 -7.76 8.08
CA THR A 704 -29.94 -9.11 8.35
C THR A 704 -29.92 -9.43 9.84
N ASN A 705 -30.00 -8.43 10.71
CA ASN A 705 -30.17 -8.82 12.11
C ASN A 705 -31.61 -9.18 12.45
N LEU A 706 -32.53 -9.10 11.48
CA LEU A 706 -33.95 -8.96 11.78
C LEU A 706 -34.64 -10.28 12.06
N LEU A 707 -34.53 -11.27 11.16
CA LEU A 707 -35.39 -12.44 11.16
C LEU A 707 -35.54 -13.04 12.55
N ARG A 708 -36.79 -13.23 12.97
CA ARG A 708 -37.08 -13.63 14.35
C ARG A 708 -36.47 -14.99 14.66
N GLY A 709 -35.68 -15.04 15.73
CA GLY A 709 -35.02 -16.26 16.17
C GLY A 709 -34.59 -16.13 17.62
N LYS A 715 -27.04 -7.99 19.65
CA LYS A 715 -25.95 -8.40 20.53
C LYS A 715 -25.57 -9.86 20.26
N VAL A 716 -25.94 -10.74 21.19
CA VAL A 716 -25.71 -12.18 21.07
C VAL A 716 -24.22 -12.50 20.92
N ARG A 717 -23.46 -12.18 21.97
CA ARG A 717 -22.05 -12.56 22.08
C ARG A 717 -21.23 -11.99 20.92
N ALA A 718 -21.09 -10.66 20.94
CA ALA A 718 -20.40 -9.94 19.86
C ALA A 718 -19.04 -10.54 19.54
N GLU A 719 -18.32 -11.04 20.54
CA GLU A 719 -17.05 -11.69 20.30
C GLU A 719 -17.26 -12.92 19.42
N ASN A 720 -16.56 -12.96 18.28
CA ASN A 720 -16.93 -13.86 17.19
C ASN A 720 -16.55 -15.31 17.48
N ASP A 721 -17.20 -15.92 18.46
CA ASP A 721 -17.21 -17.38 18.56
C ASP A 721 -18.03 -17.98 17.42
N ARG A 722 -19.25 -17.48 17.24
CA ARG A 722 -20.05 -17.79 16.06
C ARG A 722 -20.78 -16.54 15.57
N HIS A 723 -20.19 -15.36 15.75
CA HIS A 723 -20.83 -14.12 15.33
C HIS A 723 -21.11 -14.09 13.83
N HIS A 724 -20.37 -14.86 13.04
CA HIS A 724 -20.66 -14.99 11.62
C HIS A 724 -21.80 -15.96 11.34
N ALA A 725 -22.11 -16.86 12.28
CA ALA A 725 -23.10 -17.89 12.01
C ALA A 725 -24.52 -17.31 11.92
N LEU A 726 -24.86 -16.37 12.81
CA LEU A 726 -26.17 -15.74 12.74
C LEU A 726 -26.32 -14.93 11.46
N ASP A 727 -25.31 -14.12 11.13
CA ASP A 727 -25.33 -13.39 9.88
C ASP A 727 -25.45 -14.33 8.69
N ALA A 728 -24.87 -15.52 8.79
CA ALA A 728 -24.98 -16.49 7.70
C ALA A 728 -26.39 -17.06 7.58
N VAL A 729 -26.95 -17.55 8.69
CA VAL A 729 -28.28 -18.14 8.65
C VAL A 729 -29.31 -17.12 8.21
N VAL A 730 -29.05 -15.83 8.44
CA VAL A 730 -30.04 -14.83 8.07
C VAL A 730 -29.79 -14.26 6.67
N VAL A 731 -28.54 -14.27 6.19
CA VAL A 731 -28.31 -14.00 4.78
C VAL A 731 -28.91 -15.14 3.96
N ALA A 732 -29.04 -16.33 4.56
CA ALA A 732 -29.80 -17.41 3.96
C ALA A 732 -31.29 -17.14 3.94
N CYS A 733 -31.79 -16.24 4.78
CA CYS A 733 -33.19 -15.83 4.74
C CYS A 733 -33.24 -14.34 4.43
N SER A 734 -33.11 -14.01 3.15
CA SER A 734 -33.51 -12.69 2.65
C SER A 734 -33.87 -12.88 1.17
N THR A 735 -35.12 -13.23 0.91
CA THR A 735 -35.60 -13.32 -0.46
C THR A 735 -37.06 -12.91 -0.60
N VAL A 736 -37.68 -12.38 0.46
CA VAL A 736 -39.14 -12.32 0.57
C VAL A 736 -39.59 -10.88 0.73
N ALA A 737 -40.91 -10.69 0.92
CA ALA A 737 -41.50 -9.36 1.05
C ALA A 737 -40.79 -8.47 2.05
N MET A 738 -40.02 -9.05 2.98
CA MET A 738 -39.15 -8.25 3.83
C MET A 738 -38.28 -7.33 2.99
N GLN A 739 -37.55 -7.90 2.02
CA GLN A 739 -36.72 -7.08 1.13
C GLN A 739 -37.58 -6.17 0.25
N GLN A 740 -38.78 -6.60 -0.13
CA GLN A 740 -39.65 -5.79 -0.97
C GLN A 740 -40.00 -4.48 -0.27
N LYS A 741 -40.64 -4.55 0.90
CA LYS A 741 -40.95 -3.31 1.58
C LYS A 741 -39.73 -2.69 2.27
N ILE A 742 -38.60 -3.39 2.32
CA ILE A 742 -37.36 -2.71 2.71
C ILE A 742 -36.93 -1.75 1.61
N THR A 743 -37.02 -2.19 0.35
CA THR A 743 -36.81 -1.27 -0.77
C THR A 743 -37.86 -0.17 -0.78
N ARG A 744 -39.09 -0.52 -0.39
CA ARG A 744 -40.15 0.50 -0.31
C ARG A 744 -39.84 1.55 0.75
N PHE A 745 -39.29 1.12 1.90
CA PHE A 745 -38.89 2.06 2.93
C PHE A 745 -37.66 2.85 2.51
N VAL A 746 -36.79 2.26 1.70
CA VAL A 746 -35.70 3.01 1.11
C VAL A 746 -36.24 4.05 0.13
N ARG A 747 -37.43 3.80 -0.42
CA ARG A 747 -38.06 4.79 -1.29
C ARG A 747 -38.61 5.97 -0.49
N TYR A 748 -38.97 5.74 0.76
CA TYR A 748 -39.50 6.82 1.61
C TYR A 748 -39.02 6.66 3.05
N LYS A 770 -44.78 -1.98 6.44
CA LYS A 770 -43.46 -1.40 6.65
C LYS A 770 -43.07 -1.42 8.12
N THR A 771 -44.07 -1.59 9.00
CA THR A 771 -43.82 -1.55 10.43
C THR A 771 -43.38 -2.90 10.97
N HIS A 772 -43.94 -4.00 10.45
CA HIS A 772 -43.67 -5.33 10.95
C HIS A 772 -43.10 -6.21 9.85
N PHE A 773 -42.07 -6.99 10.19
CA PHE A 773 -41.51 -7.99 9.28
C PHE A 773 -40.95 -9.16 10.08
N PRO A 774 -41.83 -9.94 10.71
CA PRO A 774 -41.37 -11.16 11.37
C PRO A 774 -41.50 -12.37 10.46
N GLN A 775 -40.54 -13.29 10.58
CA GLN A 775 -40.55 -14.55 9.85
C GLN A 775 -40.18 -15.68 10.80
N PRO A 776 -41.03 -15.97 11.79
CA PRO A 776 -40.76 -17.09 12.70
C PRO A 776 -41.07 -18.41 11.99
N TRP A 777 -40.13 -19.34 12.02
CA TRP A 777 -40.31 -20.59 11.30
C TRP A 777 -39.39 -21.65 11.87
N GLU A 778 -39.85 -22.91 11.74
CA GLU A 778 -39.08 -24.13 11.99
C GLU A 778 -38.75 -24.36 13.46
N PHE A 779 -39.09 -23.45 14.36
CA PHE A 779 -38.92 -23.63 15.80
C PHE A 779 -37.45 -23.91 16.16
N PHE A 780 -36.54 -23.18 15.52
CA PHE A 780 -35.13 -23.25 15.84
C PHE A 780 -34.61 -21.91 16.38
N ALA A 781 -35.50 -21.08 16.91
CA ALA A 781 -35.08 -19.81 17.50
C ALA A 781 -34.03 -20.00 18.57
N GLN A 782 -34.12 -21.09 19.33
CA GLN A 782 -33.15 -21.43 20.36
C GLN A 782 -32.32 -22.66 20.04
N GLU A 783 -32.71 -23.45 19.03
CA GLU A 783 -31.90 -24.59 18.63
C GLU A 783 -30.62 -24.14 17.93
N VAL A 784 -30.71 -23.07 17.15
CA VAL A 784 -29.52 -22.52 16.49
C VAL A 784 -28.56 -21.96 17.54
N MET A 785 -29.10 -21.27 18.55
CA MET A 785 -28.26 -20.80 19.66
C MET A 785 -27.64 -21.98 20.39
N ILE A 786 -28.29 -23.14 20.40
CA ILE A 786 -27.71 -24.31 21.04
C ILE A 786 -26.58 -24.89 20.20
N ARG A 787 -26.75 -24.91 18.88
CA ARG A 787 -25.78 -25.60 18.03
C ARG A 787 -24.56 -24.74 17.72
N VAL A 788 -24.75 -23.46 17.40
CA VAL A 788 -23.63 -22.66 16.89
C VAL A 788 -22.58 -22.42 17.99
N PHE A 789 -23.01 -22.28 19.24
CA PHE A 789 -22.05 -22.11 20.33
C PHE A 789 -21.51 -23.44 20.80
N GLY A 790 -22.37 -24.43 20.95
CA GLY A 790 -21.99 -25.76 21.39
C GLY A 790 -22.52 -26.07 22.78
N LYS A 791 -22.42 -25.11 23.70
CA LYS A 791 -22.94 -25.28 25.06
C LYS A 791 -23.59 -23.99 25.55
N PRO A 792 -24.35 -23.31 24.70
CA PRO A 792 -25.00 -22.08 25.15
C PRO A 792 -26.28 -22.38 25.93
N ASP A 793 -27.29 -22.91 25.23
CA ASP A 793 -28.58 -23.33 25.81
C ASP A 793 -29.16 -22.29 26.77
N GLY A 794 -28.79 -21.02 26.60
CA GLY A 794 -29.20 -19.99 27.54
C GLY A 794 -28.59 -20.08 28.91
N LYS A 795 -27.68 -21.04 29.14
CA LYS A 795 -27.05 -21.20 30.45
C LYS A 795 -25.89 -20.25 30.68
N PRO A 796 -25.15 -19.90 29.63
CA PRO A 796 -23.99 -19.02 29.63
C PRO A 796 -22.84 -19.50 30.50
N GLU A 797 -22.99 -20.62 31.22
CA GLU A 797 -21.85 -21.19 31.96
C GLU A 797 -22.06 -22.69 32.02
N PHE A 798 -21.36 -23.42 31.15
CA PHE A 798 -21.49 -24.86 31.05
C PHE A 798 -20.34 -25.41 30.22
N GLU A 799 -20.00 -26.68 30.47
CA GLU A 799 -18.92 -27.32 29.75
C GLU A 799 -19.29 -27.47 28.29
N GLU A 800 -18.35 -27.13 27.41
CA GLU A 800 -18.61 -27.15 25.98
C GLU A 800 -18.83 -28.56 25.48
N ALA A 801 -19.77 -28.71 24.53
CA ALA A 801 -20.02 -29.99 23.87
C ALA A 801 -18.95 -30.20 22.81
N ASP A 802 -17.73 -30.43 23.29
CA ASP A 802 -16.56 -30.58 22.42
C ASP A 802 -16.44 -31.96 21.80
N THR A 803 -17.50 -32.77 21.85
CA THR A 803 -17.50 -34.07 21.23
C THR A 803 -18.69 -34.18 20.27
N PRO A 804 -18.49 -34.75 19.07
CA PRO A 804 -19.59 -34.87 18.12
C PRO A 804 -20.76 -35.66 18.68
N GLU A 805 -20.51 -36.92 19.07
CA GLU A 805 -21.57 -37.80 19.55
C GLU A 805 -22.31 -37.17 20.72
N LYS A 806 -21.57 -36.66 21.71
CA LYS A 806 -22.19 -35.99 22.85
C LYS A 806 -23.07 -34.84 22.39
N LEU A 807 -22.59 -34.06 21.42
CA LEU A 807 -23.34 -32.90 20.95
C LEU A 807 -24.66 -33.30 20.31
N ARG A 808 -24.63 -34.28 19.40
CA ARG A 808 -25.87 -34.72 18.75
C ARG A 808 -26.84 -35.27 19.78
N THR A 809 -26.37 -36.15 20.65
CA THR A 809 -27.27 -36.76 21.63
C THR A 809 -27.87 -35.71 22.56
N LEU A 810 -27.07 -34.73 23.00
CA LEU A 810 -27.60 -33.71 23.91
C LEU A 810 -28.62 -32.84 23.21
N LEU A 811 -28.35 -32.42 21.97
CA LEU A 811 -29.34 -31.62 21.25
C LEU A 811 -30.61 -32.41 20.99
N ALA A 812 -30.49 -33.73 20.79
CA ALA A 812 -31.67 -34.56 20.64
C ALA A 812 -32.58 -34.48 21.87
N GLU A 813 -31.98 -34.34 23.05
CA GLU A 813 -32.74 -34.18 24.29
C GLU A 813 -33.03 -32.74 24.64
N LYS A 814 -32.82 -31.80 23.71
CA LYS A 814 -33.11 -30.40 23.91
C LYS A 814 -34.22 -29.97 22.94
N LEU A 815 -34.69 -28.74 23.14
CA LEU A 815 -35.77 -28.20 22.32
C LEU A 815 -35.34 -28.08 20.85
N PRO A 819 -38.02 -32.41 17.50
CA PRO A 819 -37.37 -33.68 17.82
C PRO A 819 -36.70 -34.31 16.60
N GLU A 820 -37.43 -34.40 15.49
CA GLU A 820 -36.93 -34.99 14.26
C GLU A 820 -36.02 -34.05 13.47
N ALA A 821 -35.59 -32.94 14.07
CA ALA A 821 -34.73 -31.98 13.41
C ALA A 821 -33.25 -32.32 13.51
N VAL A 822 -32.90 -33.38 14.23
CA VAL A 822 -31.50 -33.77 14.38
C VAL A 822 -31.01 -34.40 13.09
N HIS A 823 -29.90 -33.88 12.57
CA HIS A 823 -29.26 -34.41 11.36
C HIS A 823 -27.83 -34.79 11.69
N GLU A 824 -27.44 -36.01 11.31
CA GLU A 824 -26.11 -36.51 11.62
C GLU A 824 -25.02 -35.74 10.87
N TYR A 825 -25.38 -35.00 9.82
CA TYR A 825 -24.40 -34.26 9.03
C TYR A 825 -24.06 -32.92 9.71
N VAL A 826 -23.63 -33.03 10.97
CA VAL A 826 -23.25 -31.86 11.77
C VAL A 826 -22.18 -32.29 12.76
N THR A 827 -21.37 -31.31 13.17
CA THR A 827 -20.26 -31.50 14.10
C THR A 827 -20.13 -30.21 14.90
N PRO A 828 -19.70 -30.28 16.16
CA PRO A 828 -19.46 -29.05 16.93
C PRO A 828 -18.58 -28.07 16.16
N LEU A 829 -19.05 -26.83 16.07
CA LEU A 829 -18.41 -25.83 15.21
C LEU A 829 -17.23 -25.19 15.93
N PHE A 830 -16.18 -24.91 15.15
CA PHE A 830 -15.06 -24.10 15.63
C PHE A 830 -14.48 -23.37 14.43
N VAL A 831 -13.90 -22.20 14.69
CA VAL A 831 -13.42 -21.34 13.62
C VAL A 831 -12.23 -21.99 12.91
N SER A 832 -12.07 -21.66 11.64
CA SER A 832 -10.95 -22.13 10.83
C SER A 832 -10.01 -20.96 10.57
N ARG A 833 -8.75 -21.12 10.96
CA ARG A 833 -7.76 -20.05 10.81
C ARG A 833 -7.07 -20.15 9.46
N ALA A 834 -7.03 -19.06 8.73
CA ALA A 834 -6.23 -18.98 7.51
C ALA A 834 -4.75 -18.95 7.90
N PRO A 835 -3.97 -19.98 7.58
CA PRO A 835 -2.58 -20.01 8.03
C PRO A 835 -1.63 -19.24 7.12
N ASN A 836 -0.53 -18.78 7.72
CA ASN A 836 0.50 -18.01 7.05
C ASN A 836 1.80 -18.81 7.12
N ARG A 837 2.27 -19.30 5.97
CA ARG A 837 3.49 -20.09 5.90
C ARG A 837 4.55 -19.41 5.03
N LYS A 838 4.44 -18.09 4.85
CA LYS A 838 5.40 -17.37 4.03
C LYS A 838 6.76 -17.34 4.71
N MET A 839 7.81 -17.64 3.95
CA MET A 839 9.18 -17.60 4.43
C MET A 839 9.84 -16.24 4.24
N SER A 840 9.11 -15.25 3.74
CA SER A 840 9.66 -13.93 3.54
C SER A 840 9.62 -13.13 4.83
N GLY A 841 10.31 -11.99 4.82
CA GLY A 841 10.39 -11.14 5.99
C GLY A 841 11.64 -10.30 5.94
N ALA A 842 11.79 -9.48 6.98
CA ALA A 842 12.91 -8.54 7.05
C ALA A 842 13.31 -8.34 8.50
N HIS A 843 14.59 -8.04 8.71
CA HIS A 843 15.05 -7.67 10.04
C HIS A 843 14.69 -6.22 10.33
N LYS A 844 14.75 -5.86 11.61
CA LYS A 844 14.39 -4.52 12.04
C LYS A 844 15.36 -3.49 11.45
N ASP A 845 14.83 -2.30 11.17
CA ASP A 845 15.58 -1.27 10.47
C ASP A 845 16.60 -0.56 11.36
N THR A 846 16.41 -0.58 12.67
CA THR A 846 17.31 0.14 13.56
C THR A 846 18.66 -0.55 13.62
N LEU A 847 19.73 0.20 13.33
CA LEU A 847 21.09 -0.30 13.38
C LEU A 847 21.73 0.11 14.70
N ARG A 848 22.45 -0.83 15.32
CA ARG A 848 23.05 -0.62 16.62
C ARG A 848 24.51 -1.08 16.61
N SER A 849 25.29 -0.52 17.52
CA SER A 849 26.69 -0.89 17.64
C SER A 849 26.82 -2.32 18.16
N ALA A 850 27.80 -3.05 17.65
CA ALA A 850 28.01 -4.43 18.06
C ALA A 850 29.48 -4.77 18.25
N LYS A 851 30.35 -3.78 18.50
CA LYS A 851 31.76 -4.05 18.67
C LYS A 851 32.01 -4.97 19.86
N ARG A 852 31.43 -4.63 21.02
CA ARG A 852 31.55 -5.50 22.18
C ARG A 852 30.86 -6.84 21.95
N PHE A 853 29.80 -6.86 21.15
CA PHE A 853 29.01 -8.08 20.98
C PHE A 853 29.79 -9.15 20.24
N VAL A 854 30.72 -8.77 19.35
CA VAL A 854 31.42 -9.73 18.52
C VAL A 854 32.85 -9.87 19.00
N LYS A 855 33.42 -8.80 19.56
CA LYS A 855 34.81 -8.86 19.99
C LYS A 855 34.94 -9.53 21.36
N HIS A 856 34.17 -9.07 22.34
CA HIS A 856 34.24 -9.61 23.68
C HIS A 856 33.00 -10.40 24.08
N ASN A 857 31.99 -10.45 23.22
CA ASN A 857 30.84 -11.36 23.37
C ASN A 857 29.97 -11.03 24.59
N GLU A 858 29.86 -9.76 24.94
CA GLU A 858 28.87 -9.35 25.94
C GLU A 858 27.59 -8.97 25.22
N LYS A 859 26.47 -9.51 25.69
CA LYS A 859 25.19 -9.46 24.97
C LYS A 859 24.54 -8.09 25.14
N ILE A 860 25.19 -7.07 24.57
CA ILE A 860 24.66 -5.71 24.59
C ILE A 860 24.87 -5.06 23.23
N SER A 861 23.95 -4.15 22.89
CA SER A 861 24.08 -3.23 21.79
C SER A 861 24.11 -1.81 22.33
N VAL A 862 24.59 -0.87 21.51
CA VAL A 862 24.66 0.53 21.89
C VAL A 862 24.06 1.38 20.79
N LYS A 863 23.16 2.29 21.16
CA LYS A 863 22.52 3.17 20.21
C LYS A 863 22.30 4.53 20.87
N ARG A 864 22.48 5.60 20.11
CA ARG A 864 22.26 6.92 20.66
C ARG A 864 20.77 7.21 20.76
N VAL A 865 20.37 7.85 21.86
CA VAL A 865 18.99 8.23 22.11
C VAL A 865 18.94 9.73 22.28
N TRP A 866 18.01 10.37 21.56
CA TRP A 866 17.81 11.80 21.69
C TRP A 866 17.32 12.13 23.10
N LEU A 867 17.74 13.29 23.60
CA LEU A 867 17.29 13.72 24.92
C LEU A 867 15.80 14.05 24.94
N THR A 868 15.18 14.24 23.78
CA THR A 868 13.74 14.52 23.74
C THR A 868 12.90 13.25 23.88
N GLU A 869 13.45 12.11 23.48
CA GLU A 869 12.75 10.82 23.59
C GLU A 869 13.40 9.92 24.63
N ILE A 870 14.11 10.49 25.59
CA ILE A 870 14.85 9.73 26.57
C ILE A 870 14.00 9.54 27.83
N LYS A 871 14.32 8.51 28.60
CA LYS A 871 13.66 8.24 29.86
C LYS A 871 14.70 7.90 30.92
N LEU A 872 14.24 7.77 32.16
CA LEU A 872 15.16 7.52 33.27
C LEU A 872 15.93 6.23 33.10
N ALA A 873 15.26 5.19 32.60
CA ALA A 873 15.93 3.91 32.39
C ALA A 873 17.04 4.02 31.35
N ASP A 874 16.86 4.88 30.34
CA ASP A 874 17.92 5.11 29.37
C ASP A 874 19.12 5.80 30.01
N LEU A 875 18.87 6.78 30.87
CA LEU A 875 19.95 7.41 31.61
C LEU A 875 20.68 6.40 32.49
N GLU A 876 19.94 5.47 33.09
CA GLU A 876 20.56 4.41 33.88
C GLU A 876 21.39 3.47 33.04
N ASN A 877 21.10 3.38 31.74
CA ASN A 877 21.85 2.53 30.82
C ASN A 877 22.80 3.33 29.93
N MET A 878 23.14 4.55 30.34
CA MET A 878 24.13 5.33 29.60
C MET A 878 25.46 4.59 29.55
N VAL A 879 26.17 4.75 28.43
CA VAL A 879 27.46 4.09 28.28
C VAL A 879 28.46 4.62 29.29
N ASN A 880 28.57 5.94 29.40
CA ASN A 880 29.52 6.56 30.32
C ASN A 880 29.05 6.56 31.76
N TYR A 881 27.88 6.01 32.06
CA TYR A 881 27.42 5.87 33.43
C TYR A 881 27.64 4.47 33.98
N LYS A 882 27.22 3.43 33.25
CA LYS A 882 27.34 2.07 33.76
C LYS A 882 28.80 1.62 33.87
N ASN A 883 29.70 2.22 33.09
CA ASN A 883 31.13 2.02 33.30
C ASN A 883 31.76 3.13 34.12
N GLY A 884 30.97 4.12 34.53
CA GLY A 884 31.45 5.14 35.44
C GLY A 884 32.38 6.17 34.84
N ARG A 885 32.22 6.47 33.55
CA ARG A 885 33.10 7.44 32.90
C ARG A 885 32.69 8.87 33.23
N GLU A 886 31.41 9.19 33.07
CA GLU A 886 30.89 10.55 33.27
C GLU A 886 29.74 10.48 34.26
N ILE A 887 30.06 10.66 35.54
CA ILE A 887 29.02 10.61 36.58
C ILE A 887 28.34 11.96 36.72
N GLU A 888 29.10 13.05 36.62
CA GLU A 888 28.51 14.39 36.79
C GLU A 888 27.52 14.70 35.68
N LEU A 889 27.86 14.35 34.43
CA LEU A 889 26.93 14.52 33.33
C LEU A 889 25.66 13.71 33.55
N TYR A 890 25.80 12.47 34.02
CA TYR A 890 24.64 11.64 34.32
C TYR A 890 23.76 12.29 35.39
N GLU A 891 24.37 12.81 36.44
CA GLU A 891 23.60 13.44 37.51
C GLU A 891 22.90 14.69 37.01
N ALA A 892 23.56 15.48 36.16
CA ALA A 892 22.93 16.68 35.61
C ALA A 892 21.74 16.31 34.73
N LEU A 893 21.89 15.28 33.89
CA LEU A 893 20.77 14.85 33.05
C LEU A 893 19.63 14.30 33.89
N LYS A 894 19.95 13.55 34.95
CA LYS A 894 18.91 13.01 35.82
C LYS A 894 18.16 14.14 36.54
N ALA A 895 18.89 15.16 36.98
CA ALA A 895 18.25 16.30 37.62
C ALA A 895 17.34 17.05 36.64
N ARG A 896 17.82 17.27 35.41
CA ARG A 896 17.01 17.95 34.41
C ARG A 896 15.76 17.15 34.08
N LEU A 897 15.84 15.82 34.07
CA LEU A 897 14.66 15.01 33.81
C LEU A 897 13.70 15.03 35.01
N GLU A 898 14.22 14.90 36.22
CA GLU A 898 13.37 14.87 37.40
C GLU A 898 12.69 16.21 37.64
N ALA A 899 13.32 17.31 37.21
CA ALA A 899 12.71 18.62 37.39
C ALA A 899 11.40 18.74 36.61
N TYR A 900 11.29 18.05 35.48
CA TYR A 900 10.06 18.03 34.70
C TYR A 900 9.28 16.73 34.88
N GLY A 901 9.66 15.90 35.85
CA GLY A 901 8.91 14.71 36.16
C GLY A 901 8.85 13.68 35.05
N GLY A 902 9.85 13.66 34.17
CA GLY A 902 9.89 12.71 33.08
C GLY A 902 9.49 13.24 31.73
N ASN A 903 9.05 14.50 31.64
CA ASN A 903 8.67 15.11 30.38
C ASN A 903 9.95 15.50 29.63
N ALA A 904 10.51 14.53 28.90
CA ALA A 904 11.76 14.78 28.19
C ALA A 904 11.59 15.77 27.05
N LYS A 905 10.43 15.74 26.38
CA LYS A 905 10.17 16.69 25.30
C LYS A 905 10.15 18.13 25.78
N GLN A 906 9.88 18.35 27.07
CA GLN A 906 9.88 19.69 27.64
C GLN A 906 11.12 20.02 28.44
N ALA A 907 11.73 19.01 29.08
CA ALA A 907 12.95 19.25 29.84
C ALA A 907 14.12 19.55 28.92
N PHE A 908 14.32 18.72 27.90
CA PHE A 908 15.36 18.92 26.90
C PHE A 908 14.69 19.33 25.59
N ASP A 909 14.45 20.64 25.45
CA ASP A 909 13.82 21.16 24.25
C ASP A 909 14.71 22.18 23.59
N PRO A 910 15.05 22.02 22.31
CA PRO A 910 15.86 23.03 21.62
C PRO A 910 15.16 24.39 21.60
N LYS A 911 15.97 25.45 21.65
CA LYS A 911 15.56 26.86 21.65
C LYS A 911 14.74 27.24 22.87
N ASP A 912 14.43 26.30 23.76
CA ASP A 912 13.76 26.64 25.01
C ASP A 912 14.50 26.15 26.24
N ASN A 913 15.10 24.95 26.17
CA ASN A 913 15.86 24.39 27.28
C ASN A 913 16.94 23.47 26.74
N PRO A 914 17.99 24.03 26.15
CA PRO A 914 19.11 23.20 25.71
C PRO A 914 19.91 22.69 26.90
N PHE A 915 20.57 21.55 26.70
CA PHE A 915 21.43 20.98 27.72
C PHE A 915 22.89 21.18 27.34
N TYR A 916 23.72 21.49 28.33
CA TYR A 916 25.13 21.79 28.12
C TYR A 916 25.97 20.89 29.00
N LYS A 917 27.02 20.32 28.41
CA LYS A 917 27.99 19.56 29.18
C LYS A 917 28.88 20.51 29.99
N LYS A 918 29.67 19.93 30.89
CA LYS A 918 30.72 20.69 31.53
C LYS A 918 31.71 21.16 30.47
N GLY A 919 31.86 22.47 30.34
CA GLY A 919 32.71 23.07 29.33
C GLY A 919 31.95 23.91 28.31
N GLY A 920 30.69 23.58 28.08
CA GLY A 920 29.84 24.36 27.19
C GLY A 920 29.41 23.68 25.91
N GLN A 921 29.65 22.38 25.76
CA GLN A 921 29.26 21.66 24.56
C GLN A 921 27.83 21.16 24.69
N LEU A 922 27.07 21.32 23.61
CA LEU A 922 25.68 20.87 23.61
C LEU A 922 25.60 19.35 23.65
N VAL A 923 24.53 18.85 24.26
CA VAL A 923 24.22 17.43 24.29
C VAL A 923 22.84 17.26 23.67
N LYS A 924 22.78 16.64 22.49
CA LYS A 924 21.51 16.39 21.82
C LYS A 924 21.08 14.93 21.92
N ALA A 925 22.02 14.03 22.12
CA ALA A 925 21.74 12.61 22.30
C ALA A 925 22.85 11.99 23.11
N VAL A 926 22.57 10.84 23.73
CA VAL A 926 23.57 10.10 24.48
C VAL A 926 23.49 8.63 24.11
N ARG A 927 24.65 7.97 24.07
CA ARG A 927 24.69 6.55 23.75
C ARG A 927 24.14 5.74 24.92
N VAL A 928 23.20 4.85 24.63
CA VAL A 928 22.53 4.03 25.63
C VAL A 928 22.73 2.57 25.27
N GLU A 929 22.92 1.73 26.29
CA GLU A 929 23.12 0.31 26.12
C GLU A 929 21.81 -0.44 26.26
N LYS A 930 21.64 -1.48 25.47
CA LYS A 930 20.46 -2.32 25.50
C LYS A 930 20.87 -3.79 25.50
N THR A 931 20.05 -4.63 26.12
CA THR A 931 20.33 -6.06 26.14
C THR A 931 20.09 -6.65 24.75
N GLN A 932 21.11 -7.30 24.20
CA GLN A 932 21.04 -7.91 22.87
C GLN A 932 21.47 -9.37 22.99
N GLU A 933 20.51 -10.25 23.22
CA GLU A 933 20.81 -11.68 23.29
C GLU A 933 20.98 -12.28 21.91
N SER A 934 20.06 -11.98 21.00
CA SER A 934 20.13 -12.44 19.62
C SER A 934 20.08 -11.25 18.68
N GLY A 935 20.73 -11.38 17.53
CA GLY A 935 20.78 -10.28 16.60
C GLY A 935 21.12 -10.74 15.20
N VAL A 936 21.32 -9.76 14.31
CA VAL A 936 21.66 -9.98 12.92
C VAL A 936 22.83 -9.07 12.58
N LEU A 937 23.94 -9.66 12.14
CA LEU A 937 25.13 -8.89 11.84
C LEU A 937 25.06 -8.34 10.41
N LEU A 938 25.29 -7.03 10.28
CA LEU A 938 25.19 -6.34 8.99
C LEU A 938 26.49 -5.61 8.70
N ASN A 939 26.76 -5.43 7.41
CA ASN A 939 27.95 -4.71 6.93
C ASN A 939 29.22 -5.27 7.59
N LYS A 940 29.39 -6.59 7.47
CA LYS A 940 30.46 -7.31 8.16
C LYS A 940 31.83 -7.00 7.60
N LYS A 941 31.93 -6.40 6.42
CA LYS A 941 33.23 -6.16 5.81
C LYS A 941 33.92 -4.92 6.39
N ASN A 942 33.15 -3.90 6.76
CA ASN A 942 33.73 -2.61 7.12
C ASN A 942 33.31 -2.10 8.50
N ALA A 943 32.42 -2.78 9.20
CA ALA A 943 31.92 -2.24 10.47
C ALA A 943 31.43 -3.38 11.35
N TYR A 944 31.20 -3.05 12.62
CA TYR A 944 30.59 -3.94 13.60
C TYR A 944 29.18 -3.39 13.88
N THR A 945 28.20 -3.89 13.14
CA THR A 945 26.84 -3.38 13.20
C THR A 945 25.86 -4.54 13.34
N ILE A 946 24.86 -4.36 14.21
CA ILE A 946 23.87 -5.40 14.48
C ILE A 946 22.48 -4.78 14.35
N ALA A 947 21.50 -5.65 14.14
CA ALA A 947 20.10 -5.25 14.07
C ALA A 947 19.24 -6.32 14.72
N ASP A 948 18.17 -5.90 15.38
CA ASP A 948 17.30 -6.84 16.06
C ASP A 948 16.67 -7.79 15.04
N ASN A 949 16.38 -9.01 15.47
CA ASN A 949 16.02 -10.10 14.56
C ASN A 949 14.80 -9.77 13.70
N GLY A 950 13.63 -9.68 14.31
CA GLY A 950 12.43 -9.34 13.58
C GLY A 950 11.93 -10.43 12.65
N ASP A 951 10.62 -10.51 12.47
CA ASP A 951 9.99 -11.34 11.44
C ASP A 951 10.42 -12.81 11.56
N MET A 952 10.02 -13.41 12.68
CA MET A 952 10.17 -14.85 12.85
C MET A 952 9.26 -15.57 11.87
N VAL A 953 9.83 -16.44 11.03
CA VAL A 953 9.03 -17.07 9.99
C VAL A 953 8.47 -18.42 10.45
N ARG A 954 9.22 -19.20 11.24
CA ARG A 954 8.69 -20.49 11.67
C ARG A 954 9.35 -20.92 12.97
N VAL A 955 8.82 -21.98 13.57
CA VAL A 955 9.34 -22.54 14.81
C VAL A 955 9.42 -24.06 14.67
N ASP A 956 10.59 -24.61 14.94
CA ASP A 956 10.80 -26.06 14.91
C ASP A 956 10.93 -26.56 16.34
N VAL A 957 10.05 -27.48 16.72
CA VAL A 957 9.98 -27.99 18.09
C VAL A 957 10.48 -29.42 18.09
N PHE A 958 11.51 -29.67 18.90
CA PHE A 958 12.05 -30.99 19.18
C PHE A 958 11.62 -31.42 20.58
N CYS A 959 11.60 -32.73 20.79
CA CYS A 959 11.19 -33.31 22.06
C CYS A 959 12.23 -34.32 22.50
N LYS A 960 12.51 -34.35 23.80
CA LYS A 960 13.56 -35.21 24.32
C LYS A 960 13.13 -35.78 25.67
N VAL A 961 13.73 -36.93 25.99
CA VAL A 961 13.50 -37.67 27.23
C VAL A 961 14.83 -37.76 27.93
N ASP A 962 14.90 -38.59 28.98
CA ASP A 962 16.16 -38.93 29.64
C ASP A 962 16.73 -37.78 30.47
N LYS A 963 15.89 -37.23 31.34
CA LYS A 963 16.38 -36.56 32.55
C LYS A 963 15.99 -37.36 33.79
N LYS A 964 14.70 -37.55 34.04
CA LYS A 964 14.19 -38.41 35.11
C LYS A 964 12.94 -39.15 34.64
N GLY A 965 12.95 -39.65 33.40
CA GLY A 965 11.76 -40.27 32.84
C GLY A 965 10.63 -39.30 32.58
N LYS A 966 10.94 -38.13 32.03
CA LYS A 966 9.95 -37.11 31.69
C LYS A 966 10.25 -36.57 30.30
N ASN A 967 9.29 -35.86 29.74
CA ASN A 967 9.41 -35.30 28.40
C ASN A 967 9.66 -33.80 28.51
N GLN A 968 10.81 -33.35 28.01
CA GLN A 968 11.13 -31.93 27.90
C GLN A 968 11.14 -31.54 26.43
N TYR A 969 10.37 -30.51 26.09
CA TYR A 969 10.33 -29.98 24.75
C TYR A 969 11.28 -28.79 24.63
N PHE A 970 12.00 -28.71 23.52
CA PHE A 970 12.87 -27.59 23.20
C PHE A 970 12.37 -26.98 21.89
N ILE A 971 12.22 -25.65 21.87
CA ILE A 971 11.65 -24.95 20.72
C ILE A 971 12.73 -24.04 20.14
N VAL A 972 12.93 -24.13 18.83
CA VAL A 972 13.93 -23.35 18.11
C VAL A 972 13.21 -22.39 17.18
N PRO A 973 13.55 -21.10 17.16
CA PRO A 973 12.97 -20.17 16.21
C PRO A 973 13.77 -20.12 14.91
N ILE A 974 13.08 -19.70 13.84
CA ILE A 974 13.70 -19.52 12.53
C ILE A 974 13.15 -18.22 11.97
N TYR A 975 14.04 -17.26 11.71
CA TYR A 975 13.70 -15.94 11.19
C TYR A 975 13.97 -15.88 9.69
N ALA A 976 13.59 -14.75 9.08
CA ALA A 976 13.73 -14.60 7.63
C ALA A 976 15.19 -14.44 7.23
N TRP A 977 15.97 -13.70 8.02
CA TRP A 977 17.37 -13.51 7.68
C TRP A 977 18.15 -14.81 7.70
N GLN A 978 17.76 -15.75 8.57
CA GLN A 978 18.41 -17.05 8.58
C GLN A 978 18.07 -17.84 7.33
N VAL A 979 16.84 -17.73 6.83
CA VAL A 979 16.48 -18.36 5.57
C VAL A 979 17.27 -17.73 4.42
N ALA A 980 17.48 -16.41 4.48
CA ALA A 980 18.26 -15.75 3.44
C ALA A 980 19.72 -16.20 3.47
N GLU A 981 20.29 -16.38 4.67
CA GLU A 981 21.67 -16.82 4.81
C GLU A 981 21.83 -18.32 4.74
N ASN A 982 20.74 -19.08 4.60
CA ASN A 982 20.77 -20.53 4.47
C ASN A 982 21.46 -21.18 5.67
N ILE A 983 20.87 -20.96 6.85
CA ILE A 983 21.35 -21.58 8.08
C ILE A 983 20.17 -22.21 8.81
N LEU A 984 20.46 -23.25 9.56
CA LEU A 984 19.46 -23.93 10.38
C LEU A 984 19.89 -23.88 11.83
N PRO A 985 19.21 -23.11 12.69
CA PRO A 985 19.69 -22.94 14.07
C PRO A 985 19.62 -24.23 14.85
N ASP A 986 20.41 -24.27 15.94
CA ASP A 986 20.44 -25.42 16.84
C ASP A 986 20.40 -25.02 18.31
N ILE A 987 19.98 -23.80 18.62
CA ILE A 987 19.86 -23.32 20.00
C ILE A 987 18.40 -22.95 20.26
N ASP A 988 17.84 -23.53 21.32
CA ASP A 988 16.38 -23.47 21.55
C ASP A 988 16.01 -22.42 22.60
N CYS A 989 16.19 -21.15 22.20
CA CYS A 989 15.63 -19.92 22.77
C CYS A 989 16.10 -19.58 24.17
N LYS A 990 16.48 -20.59 24.95
CA LYS A 990 17.22 -20.46 26.20
C LYS A 990 18.13 -21.67 26.34
N GLY A 991 17.73 -22.76 25.68
CA GLY A 991 18.36 -24.04 25.84
C GLY A 991 19.73 -24.09 25.19
N TYR A 992 20.34 -25.24 25.31
CA TYR A 992 21.70 -25.46 24.82
C TYR A 992 21.61 -26.03 23.41
N ARG A 993 22.73 -26.51 22.87
CA ARG A 993 22.78 -26.97 21.50
C ARG A 993 21.87 -28.17 21.29
N ILE A 994 21.40 -28.33 20.06
CA ILE A 994 20.60 -29.48 19.65
C ILE A 994 21.56 -30.53 19.08
N ASP A 995 21.70 -31.65 19.79
CA ASP A 995 22.59 -32.71 19.38
C ASP A 995 21.81 -33.78 18.61
N ASP A 996 22.46 -34.90 18.32
CA ASP A 996 21.77 -36.02 17.69
C ASP A 996 20.83 -36.73 18.67
N SER A 997 20.99 -36.48 19.97
CA SER A 997 20.15 -37.16 20.96
C SER A 997 18.70 -36.71 20.86
N TYR A 998 18.47 -35.42 20.62
CA TYR A 998 17.11 -34.91 20.52
C TYR A 998 16.45 -35.41 19.24
N THR A 999 15.37 -36.17 19.39
CA THR A 999 14.63 -36.66 18.24
C THR A 999 13.77 -35.54 17.66
N PHE A 1000 13.68 -35.50 16.33
CA PHE A 1000 12.88 -34.48 15.67
C PHE A 1000 11.40 -34.77 15.86
N CYS A 1001 10.63 -33.72 16.20
CA CYS A 1001 9.20 -33.90 16.47
C CYS A 1001 8.33 -33.20 15.45
N PHE A 1002 8.41 -31.86 15.28
CA PHE A 1002 7.71 -31.23 14.17
C PHE A 1002 8.12 -29.75 14.08
N SER A 1003 7.45 -29.03 13.18
CA SER A 1003 7.69 -27.61 12.96
C SER A 1003 6.39 -26.98 12.46
N LEU A 1004 6.23 -25.68 12.71
CA LEU A 1004 4.99 -25.02 12.33
C LEU A 1004 5.20 -23.52 12.21
N HIS A 1005 4.24 -22.88 11.54
CA HIS A 1005 4.20 -21.45 11.29
C HIS A 1005 3.04 -20.82 12.08
N LYS A 1006 2.80 -19.54 11.83
CA LYS A 1006 1.72 -18.84 12.49
C LYS A 1006 0.36 -19.38 12.05
N TYR A 1007 -0.60 -19.37 12.96
CA TYR A 1007 -1.99 -19.75 12.76
C TYR A 1007 -2.19 -21.23 12.48
N ASP A 1008 -1.16 -22.05 12.69
CA ASP A 1008 -1.31 -23.49 12.57
C ASP A 1008 -1.80 -24.07 13.90
N LEU A 1009 -2.82 -24.91 13.89
CA LEU A 1009 -3.34 -25.43 15.17
C LEU A 1009 -2.62 -26.65 15.72
N ILE A 1010 -2.51 -26.76 17.03
CA ILE A 1010 -1.86 -27.93 17.57
C ILE A 1010 -2.61 -28.47 18.76
N ALA A 1011 -2.14 -29.56 19.33
CA ALA A 1011 -2.84 -30.14 20.45
C ALA A 1011 -2.27 -29.76 21.81
N PHE A 1012 -3.18 -29.71 22.76
CA PHE A 1012 -2.93 -29.27 24.10
C PHE A 1012 -3.04 -30.25 25.25
N GLN A 1013 -2.00 -30.28 26.07
CA GLN A 1013 -1.99 -31.11 27.27
C GLN A 1013 -2.26 -30.16 28.42
N LYS A 1014 -1.23 -29.42 28.72
CA LYS A 1014 -1.15 -28.44 29.80
C LYS A 1014 -0.72 -29.05 31.12
N ASP A 1015 -0.63 -30.38 31.18
CA ASP A 1015 -0.35 -31.10 32.41
C ASP A 1015 -0.31 -32.60 32.15
N GLU A 1016 -0.03 -33.38 33.20
CA GLU A 1016 -0.12 -34.82 33.08
C GLU A 1016 -1.55 -35.28 32.88
N LYS A 1017 -2.50 -34.64 33.57
CA LYS A 1017 -3.92 -35.00 33.48
C LYS A 1017 -4.74 -33.72 33.39
N SER A 1018 -5.21 -33.40 32.18
CA SER A 1018 -6.08 -32.26 31.93
C SER A 1018 -6.85 -32.55 30.64
N LYS A 1019 -7.55 -31.54 30.13
CA LYS A 1019 -8.37 -31.73 28.94
C LYS A 1019 -7.52 -31.61 27.68
N VAL A 1020 -8.15 -31.77 26.52
CA VAL A 1020 -7.44 -31.94 25.26
C VAL A 1020 -7.11 -30.60 24.59
N GLU A 1021 -8.01 -29.62 24.68
CA GLU A 1021 -7.69 -28.20 24.48
C GLU A 1021 -7.02 -27.90 23.13
N PHE A 1022 -7.69 -28.20 22.02
CA PHE A 1022 -7.14 -27.79 20.73
C PHE A 1022 -7.07 -26.27 20.63
N ALA A 1023 -5.94 -25.76 20.14
CA ALA A 1023 -5.72 -24.31 20.11
C ALA A 1023 -5.02 -23.94 18.82
N TYR A 1024 -4.69 -22.64 18.68
CA TYR A 1024 -4.05 -22.09 17.49
C TYR A 1024 -2.86 -21.26 17.90
N TYR A 1025 -1.71 -21.55 17.28
CA TYR A 1025 -0.49 -20.79 17.47
C TYR A 1025 -0.64 -19.36 16.95
N ILE A 1026 -0.01 -18.40 17.65
CA ILE A 1026 0.04 -17.02 17.20
C ILE A 1026 1.47 -16.52 17.18
N ASN A 1027 2.17 -16.67 18.31
CA ASN A 1027 3.50 -16.09 18.50
C ASN A 1027 4.40 -17.07 19.22
N CYS A 1028 5.65 -16.65 19.44
CA CYS A 1028 6.59 -17.40 20.26
C CYS A 1028 7.56 -16.40 20.88
N ASP A 1029 8.07 -16.75 22.06
CA ASP A 1029 8.94 -15.88 22.84
C ASP A 1029 10.39 -16.34 22.65
N SER A 1030 11.24 -15.41 22.20
CA SER A 1030 12.65 -15.75 22.00
C SER A 1030 13.42 -15.91 23.30
N SER A 1031 12.91 -15.35 24.40
CA SER A 1031 13.60 -15.41 25.69
C SER A 1031 13.25 -16.69 26.45
N ASN A 1032 11.97 -16.87 26.75
CA ASN A 1032 11.52 -17.99 27.56
C ASN A 1032 11.01 -19.18 26.74
N GLY A 1033 10.73 -18.99 25.47
CA GLY A 1033 10.12 -20.05 24.69
C GLY A 1033 8.62 -20.15 24.84
N ARG A 1034 7.97 -19.11 25.35
CA ARG A 1034 6.54 -19.13 25.57
C ARG A 1034 5.79 -19.08 24.24
N PHE A 1035 4.50 -19.39 24.30
CA PHE A 1035 3.62 -19.41 23.15
C PHE A 1035 2.39 -18.57 23.43
N TYR A 1036 2.02 -17.75 22.45
CA TYR A 1036 0.73 -17.09 22.40
C TYR A 1036 -0.23 -17.93 21.58
N LEU A 1037 -1.47 -18.07 22.07
CA LEU A 1037 -2.42 -18.95 21.41
C LEU A 1037 -3.82 -18.38 21.52
N ALA A 1038 -4.70 -18.91 20.66
CA ALA A 1038 -6.13 -18.60 20.69
C ALA A 1038 -6.92 -19.81 20.24
N TRP A 1039 -8.04 -20.06 20.89
CA TRP A 1039 -8.90 -21.18 20.54
C TRP A 1039 -10.00 -20.74 19.57
N HIS A 1040 -11.04 -21.57 19.42
CA HIS A 1040 -12.13 -21.32 18.48
C HIS A 1040 -12.75 -19.93 18.64
N ASP A 1041 -12.66 -19.34 19.83
CA ASP A 1041 -13.10 -17.97 20.01
C ASP A 1041 -12.29 -17.05 19.09
N LYS A 1042 -12.94 -16.00 18.57
CA LYS A 1042 -12.36 -15.12 17.57
C LYS A 1042 -10.92 -14.74 17.90
N GLY A 1043 -10.62 -14.57 19.18
CA GLY A 1043 -9.26 -14.31 19.59
C GLY A 1043 -8.80 -12.90 19.31
N SER A 1044 -9.47 -11.92 19.91
CA SER A 1044 -8.99 -10.55 19.88
C SER A 1044 -7.60 -10.52 20.50
N LYS A 1045 -6.58 -10.22 19.70
CA LYS A 1045 -5.20 -10.33 20.15
C LYS A 1045 -4.90 -9.45 21.35
N GLU A 1046 -5.72 -8.43 21.60
CA GLU A 1046 -5.48 -7.55 22.75
C GLU A 1046 -5.84 -8.24 24.06
N GLN A 1047 -7.00 -8.88 24.11
CA GLN A 1047 -7.51 -9.45 25.36
C GLN A 1047 -7.76 -10.95 25.31
N GLN A 1048 -8.19 -11.49 24.17
CA GLN A 1048 -8.53 -12.91 24.07
C GLN A 1048 -7.31 -13.79 23.84
N PHE A 1049 -6.12 -13.28 24.14
CA PHE A 1049 -4.89 -14.06 24.05
C PHE A 1049 -4.88 -15.20 25.07
N ARG A 1050 -3.91 -16.09 24.91
CA ARG A 1050 -3.59 -17.10 25.91
C ARG A 1050 -2.08 -17.32 25.89
N ILE A 1051 -1.48 -17.41 27.08
CA ILE A 1051 -0.04 -17.59 27.21
C ILE A 1051 0.23 -18.97 27.78
N SER A 1052 1.36 -19.56 27.36
CA SER A 1052 1.65 -20.93 27.79
C SER A 1052 3.16 -21.03 27.57
N THR A 1053 3.86 -21.63 28.53
CA THR A 1053 5.26 -22.02 28.31
C THR A 1053 5.29 -23.47 27.85
N GLN A 1054 6.40 -23.88 27.22
CA GLN A 1054 6.44 -25.16 26.51
C GLN A 1054 7.48 -26.20 26.90
N ASN A 1055 8.30 -25.95 27.92
CA ASN A 1055 9.37 -26.89 28.24
C ASN A 1055 8.84 -28.21 28.77
N LEU A 1056 7.85 -28.15 29.66
CA LEU A 1056 7.22 -29.34 30.24
C LEU A 1056 5.71 -29.21 30.05
N VAL A 1057 5.20 -29.73 28.94
CA VAL A 1057 3.76 -29.74 28.68
C VAL A 1057 3.17 -31.14 28.56
N LEU A 1058 3.99 -32.17 28.39
CA LEU A 1058 3.70 -33.60 28.36
C LEU A 1058 2.90 -34.00 27.11
N ILE A 1059 2.28 -33.06 26.38
CA ILE A 1059 1.82 -33.32 25.02
C ILE A 1059 1.59 -32.02 24.26
N GLN A 1060 2.33 -31.84 23.17
CA GLN A 1060 2.07 -30.81 22.18
C GLN A 1060 2.20 -31.44 20.80
N LYS A 1061 1.15 -31.31 19.98
CA LYS A 1061 1.06 -32.10 18.76
C LYS A 1061 0.66 -31.23 17.56
N TYR A 1062 1.23 -31.58 16.42
CA TYR A 1062 0.86 -30.94 15.16
C TYR A 1062 -0.58 -31.29 14.79
N GLN A 1063 -1.24 -30.39 14.06
CA GLN A 1063 -2.64 -30.54 13.75
C GLN A 1063 -2.90 -30.04 12.33
N VAL A 1064 -4.05 -30.45 11.79
CA VAL A 1064 -4.53 -29.97 10.50
C VAL A 1064 -5.96 -29.47 10.68
N ASN A 1065 -6.20 -28.23 10.25
CA ASN A 1065 -7.44 -27.52 10.52
C ASN A 1065 -7.95 -26.90 9.22
N GLU A 1066 -8.09 -27.71 8.19
CA GLU A 1066 -8.62 -27.26 6.91
C GLU A 1066 -10.09 -26.83 7.05
N LEU A 1067 -10.80 -26.75 5.94
CA LEU A 1067 -11.99 -25.94 5.71
C LEU A 1067 -13.05 -26.10 6.79
N GLY A 1068 -14.10 -25.28 6.70
CA GLY A 1068 -14.88 -24.80 7.83
C GLY A 1068 -14.91 -25.68 9.08
N LYS A 1069 -15.03 -27.00 8.92
CA LYS A 1069 -14.68 -27.91 10.00
C LYS A 1069 -14.28 -29.26 9.40
N GLU A 1070 -12.99 -29.45 9.13
CA GLU A 1070 -12.46 -30.67 8.50
C GLU A 1070 -11.15 -31.07 9.16
N ILE A 1071 -11.10 -31.05 10.49
CA ILE A 1071 -9.83 -31.18 11.22
C ILE A 1071 -9.38 -32.64 11.26
N ARG A 1072 -8.21 -32.90 10.68
CA ARG A 1072 -7.51 -34.18 10.75
C ARG A 1072 -6.18 -34.02 11.49
N PRO A 1073 -5.62 -35.12 12.04
CA PRO A 1073 -4.29 -35.01 12.66
C PRO A 1073 -3.14 -35.24 11.68
N CYS A 1074 -2.28 -34.24 11.51
CA CYS A 1074 -1.12 -34.36 10.64
C CYS A 1074 0.13 -34.71 11.47
N ARG A 1075 1.03 -35.47 10.86
CA ARG A 1075 2.25 -35.91 11.51
C ARG A 1075 3.41 -35.82 10.52
N LEU A 1076 4.51 -35.21 10.96
CA LEU A 1076 5.69 -35.04 10.13
C LEU A 1076 6.92 -35.51 10.91
N LYS A 1077 7.83 -36.21 10.22
CA LYS A 1077 9.00 -36.78 10.87
C LYS A 1077 10.31 -36.45 10.17
N LYS A 1078 10.29 -35.72 9.07
CA LYS A 1078 11.50 -35.35 8.34
C LYS A 1078 11.67 -33.84 8.45
N ARG A 1079 12.59 -33.42 9.33
CA ARG A 1079 12.85 -32.01 9.61
C ARG A 1079 13.13 -31.24 8.32
N PRO A 1080 12.23 -30.36 7.91
CA PRO A 1080 12.40 -29.65 6.63
C PRO A 1080 13.50 -28.60 6.74
N PRO A 1081 14.39 -28.54 5.76
CA PRO A 1081 15.45 -27.54 5.77
C PRO A 1081 14.99 -26.23 5.15
N VAL A 1082 15.87 -25.23 5.22
CA VAL A 1082 15.63 -23.92 4.63
C VAL A 1082 16.71 -23.65 3.60
N ARG A 1083 16.33 -22.92 2.55
CA ARG A 1083 17.26 -22.61 1.47
C ARG A 1083 17.43 -21.10 1.32
#